data_4Y66
#
_entry.id   4Y66
#
_cell.length_a   117.847
_cell.length_b   69.066
_cell.length_c   292.137
_cell.angle_alpha   90.00
_cell.angle_beta   95.34
_cell.angle_gamma   90.00
#
_symmetry.space_group_name_H-M   'C 1 2 1'
#
loop_
_entity.id
_entity.type
_entity.pdbx_description
1 polymer Mnd1
2 polymer 'Putative tbpip family protein'
#
loop_
_entity_poly.entity_id
_entity_poly.type
_entity_poly.pdbx_seq_one_letter_code
_entity_poly.pdbx_strand_id
1 'polypeptide(L)'
;MAPKGTSLDEKKERLLEEMLKRGEIYSNKTIETLSKPTGISSMVIKNVLQALVNEDLVDTDKIGASTYYWCFASKRSQAA
RTELARLQKALEEQTNFIDKATARIEELKVGREETEERSSLLKEKLALQVKLEEQRGTFRDLLKNDPDVAQKLRNYTDIA
KQEANLWTDNIFCLQKYMLTKLQMDKKTVSTALGITGEFDYLE
;
A,C,E
2 'polypeptide(L)'
;MAAAYKEAFAAVKELMQTSNKPQNVQTAINNTGSKYGKTTVQKALDELVAQNLCIYTEIGKTGKLYLWNQNLLEVLSDAQ
LMEVNAQINDLKAQVEKLTQQGETLRITQRNLEAAPITEVLKQEVDELRQQVSANDEKLRLVRESNAIVSDADMLTLQKN
YKDAMTAWATRRAKCREVIDTLSEGMGVKPSAFMDQLGLEEGLPMTTYTEMKKALPPVNVSKADIKAALKK
;
B,D,F
#
# COMPACT_ATOMS: atom_id res chain seq x y z
N ARG A 76 -80.18 11.95 42.97
CA ARG A 76 -79.59 10.63 42.69
C ARG A 76 -80.09 10.06 41.37
N SER A 77 -81.41 10.05 41.20
CA SER A 77 -82.00 9.56 39.96
C SER A 77 -81.81 10.53 38.81
N GLN A 78 -82.21 11.79 39.02
CA GLN A 78 -82.09 12.81 37.98
C GLN A 78 -80.63 13.17 37.74
N ALA A 79 -79.85 13.14 38.82
CA ALA A 79 -78.41 13.38 38.75
C ALA A 79 -77.73 12.38 37.80
N ALA A 80 -78.27 11.16 37.77
CA ALA A 80 -77.78 10.13 36.87
C ALA A 80 -78.51 10.16 35.54
N ARG A 81 -79.61 10.92 35.48
CA ARG A 81 -80.37 11.07 34.24
C ARG A 81 -79.71 12.10 33.33
N THR A 82 -79.07 13.10 33.93
CA THR A 82 -78.42 14.17 33.19
C THR A 82 -77.21 13.70 32.37
N GLU A 83 -76.46 12.76 32.94
CA GLU A 83 -75.27 12.22 32.29
C GLU A 83 -75.63 11.51 30.98
N LEU A 84 -76.89 11.07 30.87
CA LEU A 84 -77.39 10.49 29.64
C LEU A 84 -77.90 11.57 28.68
N ALA A 85 -78.15 12.76 29.20
CA ALA A 85 -78.55 13.88 28.37
C ALA A 85 -77.33 14.58 27.76
N ARG A 86 -76.18 14.41 28.41
CA ARG A 86 -74.92 14.98 27.90
C ARG A 86 -74.43 14.22 26.68
N LEU A 87 -74.42 12.89 26.81
CA LEU A 87 -73.90 11.98 25.79
C LEU A 87 -74.74 11.86 24.52
N GLN A 88 -76.03 12.20 24.59
CA GLN A 88 -76.87 12.23 23.40
C GLN A 88 -76.45 13.41 22.50
N LYS A 89 -76.34 14.57 23.12
CA LYS A 89 -75.90 15.78 22.45
C LYS A 89 -74.49 15.58 21.90
N ALA A 90 -73.62 15.04 22.75
CA ALA A 90 -72.27 14.74 22.33
C ALA A 90 -72.27 13.83 21.09
N LEU A 91 -73.12 12.81 21.09
CA LEU A 91 -73.21 11.89 19.96
C LEU A 91 -73.66 12.60 18.68
N GLU A 92 -74.63 13.49 18.81
CA GLU A 92 -75.10 14.22 17.64
C GLU A 92 -73.95 15.04 17.07
N GLU A 93 -73.28 15.80 17.94
CA GLU A 93 -72.16 16.66 17.54
C GLU A 93 -71.04 15.89 16.84
N GLN A 94 -70.64 14.78 17.45
CA GLN A 94 -69.64 13.88 16.88
C GLN A 94 -70.08 13.31 15.53
N THR A 95 -71.37 12.99 15.42
CA THR A 95 -71.92 12.42 14.19
C THR A 95 -71.86 13.42 13.05
N ASN A 96 -72.29 14.64 13.32
CA ASN A 96 -72.23 15.71 12.33
C ASN A 96 -70.78 16.02 11.96
N PHE A 97 -69.89 15.98 12.94
CA PHE A 97 -68.46 16.18 12.70
C PHE A 97 -67.89 15.14 11.73
N ILE A 98 -68.20 13.87 11.98
CA ILE A 98 -67.77 12.79 11.10
C ILE A 98 -68.35 12.98 9.70
N ASP A 99 -69.59 13.47 9.63
CA ASP A 99 -70.23 13.73 8.34
C ASP A 99 -69.44 14.78 7.54
N LYS A 100 -69.14 15.90 8.19
CA LYS A 100 -68.36 16.99 7.59
C LYS A 100 -67.00 16.48 7.12
N ALA A 101 -66.40 15.61 7.93
CA ALA A 101 -65.10 15.03 7.61
C ALA A 101 -65.12 14.15 6.36
N THR A 102 -66.00 13.15 6.34
CA THR A 102 -66.10 12.26 5.19
C THR A 102 -66.39 13.06 3.93
N ALA A 103 -67.16 14.14 4.09
CA ALA A 103 -67.48 15.04 2.97
C ALA A 103 -66.23 15.72 2.42
N ARG A 104 -65.50 16.40 3.30
CA ARG A 104 -64.28 17.10 2.91
C ARG A 104 -63.25 16.16 2.27
N ILE A 105 -63.16 14.92 2.76
CA ILE A 105 -62.25 13.96 2.12
C ILE A 105 -62.78 13.63 0.75
N GLU A 106 -64.09 13.42 0.65
CA GLU A 106 -64.69 13.07 -0.62
C GLU A 106 -64.36 14.10 -1.69
N GLU A 107 -64.34 15.38 -1.29
CA GLU A 107 -63.99 16.46 -2.21
C GLU A 107 -62.47 16.55 -2.43
N LEU A 108 -61.66 16.20 -1.42
CA LEU A 108 -60.21 16.36 -1.54
C LEU A 108 -59.58 15.23 -2.35
N LYS A 109 -60.09 14.01 -2.20
CA LYS A 109 -59.60 12.83 -2.90
C LYS A 109 -59.83 12.93 -4.41
N VAL A 110 -60.48 14.02 -4.83
CA VAL A 110 -60.83 14.22 -6.23
C VAL A 110 -59.58 14.50 -7.06
N GLY A 111 -58.95 15.64 -6.81
CA GLY A 111 -57.72 15.99 -7.52
C GLY A 111 -56.64 14.97 -7.26
N ARG A 112 -56.43 14.65 -5.99
CA ARG A 112 -55.34 13.77 -5.59
C ARG A 112 -55.84 12.33 -5.62
N GLU A 113 -55.28 11.52 -6.51
CA GLU A 113 -55.70 10.13 -6.61
C GLU A 113 -54.50 9.20 -6.69
N GLU A 114 -54.35 8.31 -5.71
CA GLU A 114 -53.21 7.40 -5.67
C GLU A 114 -53.16 6.49 -6.91
N THR A 115 -52.03 6.49 -7.59
CA THR A 115 -51.86 5.76 -8.84
C THR A 115 -50.38 5.45 -9.03
N GLU A 116 -50.05 4.45 -9.85
CA GLU A 116 -48.65 4.20 -10.20
C GLU A 116 -48.03 5.44 -10.84
N GLU A 117 -48.89 6.29 -11.39
CA GLU A 117 -48.44 7.54 -12.00
C GLU A 117 -48.00 8.55 -10.92
N ARG A 118 -48.95 8.97 -10.09
CA ARG A 118 -48.63 9.91 -9.01
C ARG A 118 -47.56 9.37 -8.09
N SER A 119 -47.55 8.05 -7.94
CA SER A 119 -46.51 7.40 -7.17
C SER A 119 -45.16 7.64 -7.82
N SER A 120 -45.01 7.30 -9.10
CA SER A 120 -43.70 7.42 -9.74
C SER A 120 -43.34 8.89 -9.96
N LEU A 121 -44.30 9.75 -9.66
CA LEU A 121 -44.18 11.19 -9.85
C LEU A 121 -43.58 11.89 -8.61
N LEU A 122 -44.26 11.78 -7.47
CA LEU A 122 -43.74 12.37 -6.22
C LEU A 122 -42.26 12.04 -5.98
N LYS A 123 -41.93 10.79 -6.30
CA LYS A 123 -40.56 10.31 -6.19
C LYS A 123 -39.65 11.15 -7.04
N GLU A 124 -40.13 11.54 -8.20
CA GLU A 124 -39.31 12.37 -9.07
C GLU A 124 -39.24 13.82 -8.56
N LYS A 125 -40.34 14.36 -8.04
CA LYS A 125 -40.29 15.72 -7.51
C LYS A 125 -39.29 15.80 -6.36
N LEU A 126 -39.01 14.65 -5.73
CA LEU A 126 -37.91 14.60 -4.75
C LEU A 126 -36.55 14.42 -5.40
N ALA A 127 -36.49 13.52 -6.38
CA ALA A 127 -35.23 13.15 -7.00
C ALA A 127 -34.59 14.37 -7.59
N LEU A 128 -35.37 15.09 -8.37
CA LEU A 128 -34.88 16.27 -9.05
C LEU A 128 -34.45 17.25 -8.00
N GLN A 129 -35.35 17.45 -7.05
CA GLN A 129 -35.12 18.41 -5.98
C GLN A 129 -33.75 18.23 -5.36
N VAL A 130 -33.37 16.98 -5.17
CA VAL A 130 -32.09 16.64 -4.57
C VAL A 130 -30.96 16.89 -5.57
N LYS A 131 -31.15 16.39 -6.79
CA LYS A 131 -30.16 16.54 -7.85
C LYS A 131 -29.71 17.98 -7.99
N LEU A 132 -30.64 18.92 -7.82
CA LEU A 132 -30.26 20.33 -7.77
C LEU A 132 -29.20 20.62 -6.71
N GLU A 133 -29.46 20.21 -5.47
CA GLU A 133 -28.56 20.53 -4.37
C GLU A 133 -27.20 19.95 -4.64
N GLU A 134 -27.22 18.76 -5.23
CA GLU A 134 -25.99 18.09 -5.67
C GLU A 134 -25.23 18.96 -6.69
N GLN A 135 -25.96 19.48 -7.67
CA GLN A 135 -25.41 20.35 -8.70
C GLN A 135 -24.76 21.60 -8.12
N ARG A 136 -25.47 22.31 -7.26
CA ARG A 136 -24.90 23.54 -6.74
C ARG A 136 -23.68 23.25 -5.87
N GLY A 137 -23.69 22.08 -5.25
CA GLY A 137 -22.47 21.62 -4.59
C GLY A 137 -21.32 21.42 -5.55
N THR A 138 -21.60 20.74 -6.64
CA THR A 138 -20.64 20.53 -7.72
C THR A 138 -20.02 21.87 -8.11
N PHE A 139 -20.87 22.84 -8.43
CA PHE A 139 -20.37 24.17 -8.79
C PHE A 139 -19.43 24.73 -7.74
N ARG A 140 -19.94 24.82 -6.51
CA ARG A 140 -19.20 25.43 -5.42
C ARG A 140 -17.79 24.90 -5.41
N ASP A 141 -17.69 23.58 -5.62
CA ASP A 141 -16.44 22.83 -5.50
C ASP A 141 -15.53 23.05 -6.68
N LEU A 142 -16.14 23.10 -7.86
CA LEU A 142 -15.45 23.39 -9.10
C LEU A 142 -14.78 24.75 -9.12
N LEU A 143 -15.35 25.72 -8.42
CA LEU A 143 -14.74 27.05 -8.46
C LEU A 143 -13.54 27.17 -7.51
N LYS A 144 -13.42 26.23 -6.57
CA LYS A 144 -12.27 26.17 -5.64
C LYS A 144 -10.89 26.30 -6.34
N ASN A 145 -10.81 25.90 -7.62
CA ASN A 145 -9.52 25.73 -8.27
C ASN A 145 -9.05 26.93 -9.06
N ASP A 146 -8.05 27.63 -8.55
CA ASP A 146 -7.63 28.92 -9.12
C ASP A 146 -6.99 28.77 -10.49
N PRO A 147 -7.66 29.29 -11.53
CA PRO A 147 -7.14 29.12 -12.88
C PRO A 147 -5.87 29.93 -13.12
N ASP A 148 -5.63 30.95 -12.31
CA ASP A 148 -4.36 31.69 -12.41
C ASP A 148 -3.21 30.71 -12.10
N VAL A 149 -3.43 29.84 -11.12
CA VAL A 149 -2.46 28.81 -10.81
C VAL A 149 -2.37 27.79 -11.94
N ALA A 150 -3.50 27.25 -12.37
CA ALA A 150 -3.51 26.33 -13.51
C ALA A 150 -2.69 26.88 -14.67
N GLN A 151 -2.82 28.17 -14.95
CA GLN A 151 -2.04 28.74 -16.04
C GLN A 151 -0.57 28.86 -15.66
N LYS A 152 -0.28 29.31 -14.45
CA LYS A 152 1.11 29.42 -14.02
C LYS A 152 1.84 28.09 -14.23
N LEU A 153 1.27 27.02 -13.69
CA LEU A 153 1.72 25.66 -13.96
C LEU A 153 1.87 25.42 -15.45
N ARG A 154 0.82 25.69 -16.22
CA ARG A 154 0.85 25.39 -17.66
C ARG A 154 2.06 26.01 -18.33
N ASN A 155 2.39 27.24 -17.94
CA ASN A 155 3.49 28.00 -18.54
C ASN A 155 4.85 27.49 -18.11
N TYR A 156 5.03 27.40 -16.79
CA TYR A 156 6.27 26.84 -16.25
C TYR A 156 6.60 25.51 -16.88
N THR A 157 5.64 24.58 -16.93
CA THR A 157 5.98 23.26 -17.44
C THR A 157 6.44 23.41 -18.88
N ASP A 158 5.77 24.22 -19.71
CA ASP A 158 6.22 24.42 -21.10
C ASP A 158 7.69 24.81 -21.18
N ILE A 159 8.07 25.71 -20.28
CA ILE A 159 9.48 26.14 -20.14
C ILE A 159 10.41 24.99 -19.81
N ALA A 160 10.12 24.30 -18.70
CA ALA A 160 10.97 23.22 -18.26
C ALA A 160 11.02 22.15 -19.32
N LYS A 161 9.93 21.84 -20.00
CA LYS A 161 10.03 20.80 -21.01
C LYS A 161 10.86 21.25 -22.18
N GLN A 162 10.81 22.52 -22.57
CA GLN A 162 11.68 22.90 -23.67
C GLN A 162 13.12 22.80 -23.20
N GLU A 163 13.37 23.07 -21.92
CA GLU A 163 14.73 22.97 -21.38
C GLU A 163 15.24 21.52 -21.28
N ALA A 164 14.36 20.65 -20.81
CA ALA A 164 14.61 19.24 -20.75
C ALA A 164 14.83 18.71 -22.15
N ASN A 165 14.16 19.30 -23.13
CA ASN A 165 14.36 18.85 -24.50
C ASN A 165 15.66 19.36 -25.05
N LEU A 166 16.07 20.54 -24.56
CA LEU A 166 17.37 21.11 -24.88
C LEU A 166 18.45 20.13 -24.43
N TRP A 167 18.57 19.93 -23.13
CA TRP A 167 19.55 18.97 -22.65
C TRP A 167 19.38 17.56 -23.22
N THR A 168 18.17 17.17 -23.65
CA THR A 168 18.08 15.92 -24.38
C THR A 168 18.86 16.01 -25.68
N ASP A 169 18.66 17.11 -26.41
CA ASP A 169 19.36 17.28 -27.68
C ASP A 169 20.88 17.30 -27.45
N ASN A 170 21.32 17.98 -26.39
CA ASN A 170 22.73 18.00 -26.02
C ASN A 170 23.25 16.59 -25.71
N ILE A 171 22.40 15.77 -25.10
CA ILE A 171 22.82 14.42 -24.76
C ILE A 171 22.98 13.57 -26.02
N PHE A 172 22.05 13.69 -26.96
CA PHE A 172 22.19 12.93 -28.21
C PHE A 172 23.39 13.37 -29.03
N CYS A 173 23.70 14.66 -28.93
CA CYS A 173 24.88 15.21 -29.56
C CYS A 173 26.18 14.66 -28.92
N LEU A 174 26.21 14.51 -27.60
CA LEU A 174 27.34 13.85 -26.95
C LEU A 174 27.45 12.40 -27.34
N GLN A 175 26.32 11.77 -27.62
CA GLN A 175 26.32 10.41 -28.14
C GLN A 175 26.99 10.34 -29.51
N LYS A 176 26.71 11.32 -30.36
CA LYS A 176 27.33 11.32 -31.69
C LYS A 176 28.85 11.38 -31.53
N TYR A 177 29.34 12.45 -30.92
CA TYR A 177 30.79 12.64 -30.69
C TYR A 177 31.43 11.44 -30.01
N MET A 178 30.97 11.11 -28.81
CA MET A 178 31.54 9.97 -28.08
C MET A 178 31.58 8.66 -28.90
N LEU A 179 30.54 8.38 -29.68
CA LEU A 179 30.57 7.15 -30.46
C LEU A 179 31.47 7.23 -31.70
N THR A 180 31.34 8.30 -32.48
CA THR A 180 32.01 8.37 -33.80
C THR A 180 33.36 9.11 -33.82
N LYS A 181 33.78 9.63 -32.67
CA LYS A 181 35.06 10.35 -32.60
C LYS A 181 35.98 9.69 -31.56
N LEU A 182 35.54 9.62 -30.30
CA LEU A 182 36.34 9.02 -29.25
C LEU A 182 36.19 7.52 -29.26
N GLN A 183 35.42 7.02 -30.24
CA GLN A 183 35.23 5.58 -30.47
C GLN A 183 34.91 4.81 -29.17
N MET A 184 34.07 5.42 -28.33
CA MET A 184 33.75 4.84 -27.04
C MET A 184 32.74 3.73 -27.19
N ASP A 185 32.46 3.04 -26.09
CA ASP A 185 31.68 1.80 -26.13
C ASP A 185 30.16 2.06 -26.20
N LYS A 186 29.49 1.44 -27.19
CA LYS A 186 28.06 1.68 -27.37
C LYS A 186 27.28 1.24 -26.12
N LYS A 187 27.84 0.31 -25.34
CA LYS A 187 27.27 -0.06 -24.06
C LYS A 187 27.62 0.99 -23.01
N THR A 188 28.89 1.38 -22.96
CA THR A 188 29.34 2.25 -21.89
C THR A 188 28.71 3.64 -22.03
N VAL A 189 28.38 4.01 -23.26
CA VAL A 189 27.93 5.37 -23.53
C VAL A 189 26.55 5.60 -22.91
N SER A 190 25.63 4.68 -23.18
CA SER A 190 24.26 4.77 -22.70
C SER A 190 24.29 4.94 -21.20
N THR A 191 24.88 3.97 -20.52
CA THR A 191 24.90 3.93 -19.06
C THR A 191 25.48 5.22 -18.44
N ALA A 192 26.44 5.84 -19.12
CA ALA A 192 27.10 7.02 -18.59
C ALA A 192 26.28 8.29 -18.78
N LEU A 193 25.60 8.35 -19.92
CA LEU A 193 24.79 9.53 -20.27
C LEU A 193 23.49 9.55 -19.48
N GLY A 194 22.97 8.36 -19.23
CA GLY A 194 21.65 8.20 -18.64
C GLY A 194 20.60 7.76 -19.64
N ILE A 195 21.02 7.35 -20.83
CA ILE A 195 20.06 6.89 -21.81
C ILE A 195 19.46 5.57 -21.39
N THR A 196 18.14 5.56 -21.34
CA THR A 196 17.38 4.46 -20.80
C THR A 196 16.57 3.78 -21.89
N GLY A 197 15.83 2.76 -21.50
CA GLY A 197 14.81 2.19 -22.36
C GLY A 197 13.62 3.14 -22.37
N GLU A 198 13.10 3.42 -23.56
CA GLU A 198 12.07 4.44 -23.75
C GLU A 198 12.56 5.84 -23.32
N PHE A 199 13.81 6.15 -23.65
CA PHE A 199 14.33 7.51 -23.50
C PHE A 199 13.87 8.36 -24.67
N ASP A 200 13.09 9.40 -24.38
CA ASP A 200 12.45 10.17 -25.45
C ASP A 200 12.35 11.63 -25.07
N TYR A 201 12.10 12.47 -26.07
CA TYR A 201 11.82 13.89 -25.87
C TYR A 201 10.43 14.06 -25.27
N LEU A 202 10.19 15.17 -24.59
CA LEU A 202 8.87 15.37 -23.98
C LEU A 202 7.94 16.17 -24.89
N GLU A 203 6.92 15.49 -25.43
CA GLU A 203 5.94 16.07 -26.34
C GLU A 203 4.68 16.49 -25.57
N ALA B 79 -85.24 2.03 41.38
CA ALA B 79 -86.38 2.31 40.52
C ALA B 79 -86.26 1.52 39.24
N GLN B 80 -85.58 0.38 39.35
CA GLN B 80 -85.20 -0.44 38.20
C GLN B 80 -84.51 0.42 37.15
N LEU B 81 -83.56 1.22 37.62
CA LEU B 81 -82.86 2.17 36.77
C LEU B 81 -81.78 1.47 35.98
N MET B 82 -81.58 0.19 36.26
CA MET B 82 -80.66 -0.64 35.48
C MET B 82 -80.95 -0.49 34.00
N GLU B 83 -82.22 -0.30 33.65
CA GLU B 83 -82.60 -0.11 32.26
C GLU B 83 -81.91 1.11 31.67
N VAL B 84 -81.99 2.22 32.39
CA VAL B 84 -81.40 3.48 31.95
C VAL B 84 -79.87 3.57 32.20
N ASN B 85 -79.42 3.20 33.39
CA ASN B 85 -77.99 3.23 33.71
C ASN B 85 -77.19 2.20 32.94
N ALA B 86 -77.87 1.28 32.24
CA ALA B 86 -77.18 0.44 31.26
C ALA B 86 -77.02 1.19 29.94
N GLN B 87 -78.08 1.88 29.53
CA GLN B 87 -78.09 2.53 28.23
C GLN B 87 -76.95 3.53 28.14
N ILE B 88 -76.76 4.35 29.17
CA ILE B 88 -75.64 5.30 29.17
C ILE B 88 -74.36 4.53 28.84
N ASN B 89 -74.10 3.42 29.55
CA ASN B 89 -72.91 2.62 29.31
C ASN B 89 -72.82 2.18 27.86
N ASP B 90 -73.93 1.67 27.32
CA ASP B 90 -73.97 1.29 25.91
C ASP B 90 -73.46 2.42 25.05
N LEU B 91 -74.06 3.60 25.17
CA LEU B 91 -73.70 4.66 24.26
C LEU B 91 -72.35 5.27 24.66
N LYS B 92 -71.95 5.08 25.92
CA LYS B 92 -70.65 5.60 26.34
C LYS B 92 -69.58 4.82 25.60
N ALA B 93 -69.93 3.60 25.19
CA ALA B 93 -69.02 2.83 24.38
C ALA B 93 -69.11 3.30 22.93
N GLN B 94 -70.33 3.62 22.50
CA GLN B 94 -70.53 3.96 21.10
C GLN B 94 -69.86 5.28 20.74
N VAL B 95 -70.17 6.35 21.47
CA VAL B 95 -69.61 7.66 21.17
C VAL B 95 -68.09 7.53 21.07
N GLU B 96 -67.47 6.93 22.10
CA GLU B 96 -66.02 6.77 22.14
C GLU B 96 -65.52 6.18 20.83
N LYS B 97 -66.13 5.09 20.37
CA LYS B 97 -65.69 4.46 19.13
C LYS B 97 -65.64 5.49 18.03
N LEU B 98 -66.76 6.17 17.76
CA LEU B 98 -66.74 7.13 16.68
C LEU B 98 -65.71 8.22 16.89
N THR B 99 -65.57 8.74 18.11
CA THR B 99 -64.59 9.81 18.29
C THR B 99 -63.17 9.29 17.99
N GLN B 100 -62.86 8.08 18.44
CA GLN B 100 -61.52 7.56 18.20
C GLN B 100 -61.35 7.19 16.73
N GLN B 101 -62.47 7.01 16.05
CA GLN B 101 -62.43 6.85 14.60
C GLN B 101 -62.38 8.23 13.97
N GLY B 102 -63.09 9.18 14.57
CA GLY B 102 -63.21 10.52 14.02
C GLY B 102 -61.86 11.15 13.80
N GLU B 103 -61.07 11.20 14.87
CA GLU B 103 -59.72 11.74 14.82
C GLU B 103 -58.93 11.12 13.68
N THR B 104 -59.11 9.82 13.40
CA THR B 104 -58.31 9.17 12.36
C THR B 104 -58.54 9.87 11.04
N LEU B 105 -59.82 10.09 10.71
CA LEU B 105 -60.18 10.81 9.50
C LEU B 105 -59.40 12.14 9.45
N ARG B 106 -59.45 12.89 10.55
CA ARG B 106 -58.79 14.19 10.64
C ARG B 106 -57.34 14.03 10.19
N ILE B 107 -56.65 13.06 10.79
CA ILE B 107 -55.25 12.83 10.48
C ILE B 107 -55.10 12.70 8.97
N THR B 108 -55.84 11.79 8.35
CA THR B 108 -55.63 11.58 6.91
C THR B 108 -55.96 12.83 6.09
N GLN B 109 -56.99 13.57 6.51
CA GLN B 109 -57.37 14.74 5.71
C GLN B 109 -56.26 15.80 5.84
N ARG B 110 -55.60 15.83 7.00
CA ARG B 110 -54.44 16.70 7.16
C ARG B 110 -53.42 16.34 6.09
N ASN B 111 -53.14 15.04 5.97
CA ASN B 111 -52.23 14.55 4.95
C ASN B 111 -52.68 14.91 3.54
N LEU B 112 -54.00 14.99 3.37
CA LEU B 112 -54.56 15.34 2.07
C LEU B 112 -54.39 16.84 1.79
N GLU B 113 -54.45 17.64 2.84
CA GLU B 113 -54.34 19.09 2.67
C GLU B 113 -52.88 19.51 2.54
N ALA B 114 -51.98 18.61 2.92
CA ALA B 114 -50.54 18.89 2.89
C ALA B 114 -49.88 18.39 1.61
N ALA B 115 -50.68 17.84 0.69
CA ALA B 115 -50.14 17.35 -0.58
C ALA B 115 -50.74 18.11 -1.77
N PRO B 116 -49.94 18.28 -2.85
CA PRO B 116 -50.38 18.97 -4.06
C PRO B 116 -51.24 18.05 -4.91
N ILE B 117 -52.05 18.60 -5.81
CA ILE B 117 -52.82 17.73 -6.69
C ILE B 117 -51.89 17.05 -7.69
N THR B 118 -52.45 16.20 -8.54
CA THR B 118 -51.61 15.44 -9.46
C THR B 118 -51.41 16.18 -10.79
N GLU B 119 -52.17 17.24 -11.03
CA GLU B 119 -51.89 18.10 -12.18
C GLU B 119 -50.79 19.11 -11.86
N VAL B 120 -50.81 19.65 -10.64
CA VAL B 120 -49.77 20.60 -10.23
C VAL B 120 -48.43 19.90 -9.98
N LEU B 121 -48.50 18.67 -9.48
CA LEU B 121 -47.29 17.92 -9.25
C LEU B 121 -46.71 17.52 -10.61
N LYS B 122 -47.55 17.42 -11.62
CA LYS B 122 -47.04 17.08 -12.95
C LYS B 122 -46.33 18.30 -13.57
N GLN B 123 -46.73 19.48 -13.14
CA GLN B 123 -46.08 20.71 -13.57
C GLN B 123 -44.72 20.84 -12.91
N GLU B 124 -44.72 20.96 -11.58
CA GLU B 124 -43.49 21.23 -10.83
C GLU B 124 -42.32 20.34 -11.24
N VAL B 125 -42.63 19.11 -11.65
CA VAL B 125 -41.62 18.19 -12.14
C VAL B 125 -41.04 18.61 -13.48
N ASP B 126 -41.89 18.86 -14.49
CA ASP B 126 -41.39 19.25 -15.80
C ASP B 126 -40.79 20.67 -15.77
N GLU B 127 -41.00 21.37 -14.67
CA GLU B 127 -40.22 22.57 -14.41
C GLU B 127 -38.86 22.29 -13.76
N LEU B 128 -38.83 21.31 -12.87
CA LEU B 128 -37.57 20.94 -12.25
C LEU B 128 -36.63 20.26 -13.23
N ARG B 129 -37.20 19.45 -14.12
CA ARG B 129 -36.44 18.82 -15.19
C ARG B 129 -35.69 19.87 -16.01
N GLN B 130 -36.44 20.87 -16.47
CA GLN B 130 -35.86 21.95 -17.22
C GLN B 130 -34.83 22.70 -16.38
N GLN B 131 -35.10 22.82 -15.08
CA GLN B 131 -34.22 23.55 -14.18
C GLN B 131 -32.89 22.84 -13.95
N VAL B 132 -32.91 21.51 -14.01
CA VAL B 132 -31.72 20.69 -13.87
C VAL B 132 -30.92 20.62 -15.14
N SER B 133 -31.63 20.33 -16.21
CA SER B 133 -31.08 20.33 -17.56
C SER B 133 -30.33 21.64 -17.81
N ALA B 134 -30.90 22.72 -17.30
CA ALA B 134 -30.26 24.02 -17.28
C ALA B 134 -28.84 23.97 -16.73
N ASN B 135 -28.68 23.40 -15.55
CA ASN B 135 -27.36 23.30 -14.94
C ASN B 135 -26.43 22.37 -15.67
N ASP B 136 -27.02 21.39 -16.36
CA ASP B 136 -26.22 20.48 -17.14
C ASP B 136 -25.63 21.26 -18.32
N GLU B 137 -26.41 22.18 -18.87
CA GLU B 137 -25.90 23.06 -19.92
C GLU B 137 -24.87 24.07 -19.41
N LYS B 138 -25.10 24.65 -18.24
CA LYS B 138 -24.15 25.60 -17.68
C LYS B 138 -22.83 24.91 -17.39
N LEU B 139 -22.91 23.68 -16.92
CA LEU B 139 -21.69 22.91 -16.69
C LEU B 139 -20.99 22.62 -18.01
N ARG B 140 -21.75 22.19 -19.02
CA ARG B 140 -21.15 21.92 -20.32
C ARG B 140 -20.41 23.15 -20.84
N LEU B 141 -20.97 24.33 -20.63
CA LEU B 141 -20.37 25.57 -21.14
C LEU B 141 -19.12 26.05 -20.40
N VAL B 142 -19.22 26.20 -19.09
CA VAL B 142 -18.05 26.66 -18.36
C VAL B 142 -16.95 25.62 -18.50
N ARG B 143 -17.33 24.36 -18.67
CA ARG B 143 -16.32 23.34 -18.93
C ARG B 143 -15.70 23.48 -20.32
N GLU B 144 -16.52 23.45 -21.38
CA GLU B 144 -16.02 23.53 -22.76
C GLU B 144 -15.18 24.80 -23.01
N SER B 145 -15.39 25.83 -22.21
CA SER B 145 -14.70 27.09 -22.42
C SER B 145 -13.40 27.18 -21.63
N ASN B 146 -13.04 26.11 -20.93
CA ASN B 146 -11.83 26.08 -20.11
C ASN B 146 -11.75 27.27 -19.16
N ALA B 147 -12.92 27.64 -18.64
CA ALA B 147 -13.05 28.72 -17.68
C ALA B 147 -12.66 28.26 -16.29
N ILE B 148 -12.55 26.94 -16.17
CA ILE B 148 -12.53 26.25 -14.88
C ILE B 148 -11.52 25.08 -14.83
N VAL B 149 -11.05 24.73 -13.63
CA VAL B 149 -10.14 23.60 -13.54
C VAL B 149 -10.59 22.52 -12.54
N SER B 150 -10.82 21.31 -13.04
CA SER B 150 -11.23 20.21 -12.18
C SER B 150 -10.06 19.74 -11.32
N ASP B 151 -10.38 19.17 -10.17
CA ASP B 151 -9.40 18.63 -9.20
C ASP B 151 -8.41 17.65 -9.80
N ALA B 152 -8.90 16.79 -10.67
CA ALA B 152 -8.05 15.87 -11.41
C ALA B 152 -7.07 16.60 -12.34
N ASP B 153 -7.57 17.58 -13.09
CA ASP B 153 -6.76 18.40 -13.98
C ASP B 153 -5.75 19.25 -13.24
N MET B 154 -6.18 19.75 -12.11
CA MET B 154 -5.32 20.58 -11.30
C MET B 154 -4.20 19.70 -10.74
N LEU B 155 -4.48 18.40 -10.60
CA LEU B 155 -3.45 17.45 -10.19
C LEU B 155 -2.50 17.07 -11.33
N THR B 156 -3.07 16.76 -12.48
CA THR B 156 -2.31 16.43 -13.66
C THR B 156 -1.34 17.53 -14.09
N LEU B 157 -1.78 18.78 -14.20
CA LEU B 157 -0.83 19.84 -14.55
C LEU B 157 0.31 19.87 -13.53
N GLN B 158 -0.07 19.60 -12.31
CA GLN B 158 0.83 19.67 -11.19
C GLN B 158 1.92 18.63 -11.23
N LYS B 159 1.51 17.45 -11.69
CA LYS B 159 2.38 16.31 -11.86
C LYS B 159 3.28 16.51 -13.05
N ASN B 160 2.69 16.88 -14.17
CA ASN B 160 3.46 17.14 -15.38
C ASN B 160 4.60 18.13 -15.19
N TYR B 161 4.35 19.05 -14.30
CA TYR B 161 5.35 20.00 -13.93
C TYR B 161 6.49 19.25 -13.26
N LYS B 162 6.19 18.41 -12.27
CA LYS B 162 7.25 17.66 -11.61
C LYS B 162 8.02 16.87 -12.66
N ASP B 163 7.30 16.13 -13.50
CA ASP B 163 7.97 15.39 -14.55
C ASP B 163 8.91 16.24 -15.37
N ALA B 164 8.48 17.42 -15.78
CA ALA B 164 9.38 18.21 -16.62
C ALA B 164 10.57 18.67 -15.81
N MET B 165 10.34 19.38 -14.70
CA MET B 165 11.45 19.96 -13.91
C MET B 165 12.48 18.90 -13.47
N THR B 166 11.98 17.71 -13.16
CA THR B 166 12.84 16.55 -12.95
C THR B 166 13.62 16.24 -14.24
N ALA B 167 12.92 16.02 -15.34
CA ALA B 167 13.58 15.62 -16.60
C ALA B 167 14.70 16.58 -16.94
N TRP B 168 14.46 17.85 -16.62
CA TRP B 168 15.36 18.93 -16.93
C TRP B 168 16.57 18.83 -16.04
N ALA B 169 16.36 19.08 -14.74
CA ALA B 169 17.46 19.07 -13.78
C ALA B 169 18.31 17.78 -13.87
N THR B 170 17.68 16.71 -14.34
CA THR B 170 18.34 15.41 -14.51
C THR B 170 19.23 15.37 -15.75
N ARG B 171 18.65 15.63 -16.94
CA ARG B 171 19.40 15.58 -18.19
C ARG B 171 20.52 16.62 -18.28
N ARG B 172 20.27 17.80 -17.75
CA ARG B 172 21.37 18.72 -17.58
C ARG B 172 22.50 18.04 -16.80
N ALA B 173 22.23 17.55 -15.59
CA ALA B 173 23.28 17.02 -14.72
C ALA B 173 24.07 15.88 -15.38
N LYS B 174 23.34 14.84 -15.76
CA LYS B 174 23.95 13.66 -16.37
C LYS B 174 24.55 14.01 -17.72
N CYS B 175 24.39 15.26 -18.17
CA CYS B 175 25.15 15.75 -19.31
C CYS B 175 26.45 16.44 -18.84
N ARG B 176 26.32 17.47 -18.00
CA ARG B 176 27.45 18.26 -17.50
C ARG B 176 28.50 17.43 -16.74
N GLU B 177 28.10 16.24 -16.27
CA GLU B 177 29.03 15.34 -15.58
C GLU B 177 29.92 14.60 -16.59
N VAL B 178 29.38 14.35 -17.78
CA VAL B 178 30.17 13.76 -18.85
C VAL B 178 31.00 14.87 -19.48
N ILE B 179 30.41 16.05 -19.58
CA ILE B 179 31.14 17.21 -20.08
C ILE B 179 32.35 17.48 -19.18
N ASP B 180 32.18 17.27 -17.88
CA ASP B 180 33.30 17.40 -16.94
C ASP B 180 34.51 16.54 -17.35
N THR B 181 34.33 15.21 -17.35
CA THR B 181 35.43 14.31 -17.72
C THR B 181 35.97 14.69 -19.10
N LEU B 182 35.09 14.79 -20.08
CA LEU B 182 35.52 15.06 -21.45
C LEU B 182 36.24 16.43 -21.61
N SER B 183 36.06 17.34 -20.65
CA SER B 183 36.74 18.65 -20.73
C SER B 183 38.23 18.52 -20.51
N GLU B 184 38.61 17.86 -19.43
CA GLU B 184 40.02 17.71 -19.08
C GLU B 184 40.63 16.49 -19.77
N GLY B 185 39.79 15.68 -20.41
CA GLY B 185 40.28 14.64 -21.30
C GLY B 185 41.14 15.31 -22.36
N MET B 186 40.61 16.38 -22.94
CA MET B 186 41.32 17.20 -23.92
C MET B 186 42.08 18.35 -23.24
N GLY B 187 42.03 18.38 -21.91
CA GLY B 187 42.69 19.43 -21.13
C GLY B 187 42.27 20.83 -21.51
N VAL B 188 40.96 21.09 -21.51
CA VAL B 188 40.43 22.37 -21.99
C VAL B 188 39.16 22.76 -21.20
N LYS B 189 38.88 24.06 -21.16
CA LYS B 189 37.67 24.59 -20.51
C LYS B 189 36.40 23.94 -21.07
N PRO B 190 35.39 23.71 -20.21
CA PRO B 190 34.17 23.09 -20.73
C PRO B 190 33.49 23.93 -21.81
N SER B 191 33.52 25.25 -21.61
CA SER B 191 32.89 26.20 -22.52
C SER B 191 33.26 25.98 -23.98
N ALA B 192 34.56 25.94 -24.27
CA ALA B 192 35.02 25.79 -25.65
C ALA B 192 34.71 24.40 -26.19
N PHE B 193 34.60 23.42 -25.29
CA PHE B 193 34.21 22.06 -25.66
C PHE B 193 32.78 22.03 -26.18
N MET B 194 31.91 22.75 -25.47
CA MET B 194 30.53 22.89 -25.87
C MET B 194 30.47 23.73 -27.15
N ASP B 195 31.46 24.59 -27.34
CA ASP B 195 31.47 25.45 -28.51
C ASP B 195 31.84 24.64 -29.74
N GLN B 196 32.71 23.66 -29.54
CA GLN B 196 33.20 22.83 -30.63
C GLN B 196 32.18 21.78 -31.01
N LEU B 197 31.62 21.09 -30.01
CA LEU B 197 30.69 20.02 -30.29
C LEU B 197 29.33 20.54 -30.74
N GLY B 198 29.09 21.83 -30.53
CA GLY B 198 27.79 22.37 -30.85
C GLY B 198 26.76 21.89 -29.85
N LEU B 199 27.07 22.11 -28.57
CA LEU B 199 26.11 21.90 -27.49
C LEU B 199 25.54 23.24 -27.06
N GLU B 200 24.26 23.27 -26.72
CA GLU B 200 23.64 24.55 -26.40
C GLU B 200 23.90 24.99 -24.97
N GLU B 201 24.02 26.31 -24.83
CA GLU B 201 24.26 27.00 -23.58
C GLU B 201 23.38 26.46 -22.47
N GLY B 202 22.12 26.31 -22.83
CA GLY B 202 21.08 26.03 -21.86
C GLY B 202 20.50 27.35 -21.43
N LEU B 203 19.65 27.24 -20.41
CA LEU B 203 19.27 28.37 -19.62
C LEU B 203 20.11 28.21 -18.35
N PRO B 204 20.13 29.24 -17.47
CA PRO B 204 20.83 29.10 -16.18
C PRO B 204 20.05 28.28 -15.15
N MET B 205 20.74 27.76 -14.14
CA MET B 205 20.02 27.14 -13.04
C MET B 205 19.47 28.19 -12.09
N THR B 206 19.91 29.44 -12.29
CA THR B 206 19.46 30.60 -11.50
C THR B 206 17.96 30.76 -11.57
N THR B 207 17.46 30.54 -12.77
CA THR B 207 16.03 30.58 -13.06
C THR B 207 15.31 29.29 -12.64
N TYR B 208 16.01 28.15 -12.70
CA TYR B 208 15.38 26.87 -12.35
C TYR B 208 15.03 26.82 -10.88
N THR B 209 16.01 27.19 -10.06
CA THR B 209 15.82 27.10 -8.63
C THR B 209 14.86 28.17 -8.18
N GLU B 210 14.92 29.33 -8.80
CA GLU B 210 13.99 30.39 -8.47
C GLU B 210 12.60 29.99 -8.96
N MET B 211 12.52 29.03 -9.87
CA MET B 211 11.23 28.49 -10.32
C MET B 211 10.67 27.47 -9.34
N LYS B 212 11.53 26.57 -8.88
CA LYS B 212 11.18 25.66 -7.81
C LYS B 212 10.70 26.47 -6.60
N LYS B 213 11.33 27.63 -6.40
CA LYS B 213 11.01 28.48 -5.27
C LYS B 213 9.65 29.14 -5.47
N ALA B 214 9.51 29.84 -6.59
CA ALA B 214 8.26 30.46 -6.97
C ALA B 214 7.15 29.44 -6.84
N LEU B 215 7.18 28.47 -7.75
CA LEU B 215 6.19 27.41 -7.73
C LEU B 215 6.83 26.04 -7.43
N PRO B 216 6.64 25.54 -6.19
CA PRO B 216 7.28 24.27 -5.80
C PRO B 216 6.69 23.06 -6.50
N PRO B 217 7.54 22.22 -7.12
CA PRO B 217 7.02 20.96 -7.63
C PRO B 217 6.57 20.10 -6.46
N VAL B 218 5.83 19.05 -6.74
CA VAL B 218 5.12 18.25 -5.74
C VAL B 218 4.97 16.87 -6.39
N ASN B 219 4.71 15.83 -5.61
CA ASN B 219 4.47 14.64 -6.28
C ASN B 219 3.04 14.18 -6.18
N VAL B 220 2.58 13.57 -7.25
CA VAL B 220 1.18 13.38 -7.51
C VAL B 220 1.07 11.96 -8.02
N SER B 221 0.36 11.10 -7.29
CA SER B 221 0.19 9.75 -7.75
C SER B 221 -0.82 9.62 -8.85
N LYS B 222 -0.51 8.81 -9.85
CA LYS B 222 -1.47 8.48 -10.88
C LYS B 222 -2.78 7.95 -10.30
N ALA B 223 -2.70 7.23 -9.18
CA ALA B 223 -3.91 6.67 -8.58
C ALA B 223 -4.78 7.75 -7.93
N ASP B 224 -4.11 8.74 -7.35
CA ASP B 224 -4.76 9.92 -6.78
C ASP B 224 -5.60 10.61 -7.84
N ILE B 225 -5.01 10.78 -9.01
CA ILE B 225 -5.66 11.35 -10.17
C ILE B 225 -6.82 10.49 -10.65
N LYS B 226 -6.72 9.17 -10.61
CA LYS B 226 -7.91 8.36 -10.92
C LYS B 226 -9.01 8.53 -9.86
N ALA B 227 -8.62 8.74 -8.62
CA ALA B 227 -9.61 8.89 -7.55
C ALA B 227 -10.33 10.20 -7.67
N ALA B 228 -9.63 11.24 -8.08
CA ALA B 228 -10.27 12.54 -8.32
C ALA B 228 -11.23 12.53 -9.50
N LEU B 229 -11.01 11.65 -10.47
CA LEU B 229 -11.83 11.63 -11.67
C LEU B 229 -13.17 10.86 -11.45
N LYS B 230 -13.47 10.43 -10.22
CA LYS B 230 -14.79 9.80 -9.98
C LYS B 230 -15.59 10.35 -8.77
N THR C 6 105.60 5.69 -16.02
CA THR C 6 105.88 5.79 -14.59
C THR C 6 106.66 4.57 -14.08
N SER C 7 106.73 4.44 -12.76
CA SER C 7 107.41 3.31 -12.13
C SER C 7 106.71 1.97 -12.39
N LEU C 8 105.38 1.94 -12.31
CA LEU C 8 104.63 0.68 -12.40
C LEU C 8 104.77 0.07 -13.77
N ASP C 9 104.75 0.90 -14.80
CA ASP C 9 104.89 0.38 -16.14
C ASP C 9 106.32 -0.14 -16.41
N GLU C 10 107.30 0.50 -15.78
CA GLU C 10 108.66 0.01 -15.87
C GLU C 10 108.76 -1.36 -15.24
N LYS C 11 108.20 -1.50 -14.03
CA LYS C 11 108.21 -2.78 -13.33
C LYS C 11 107.60 -3.88 -14.22
N LYS C 12 106.35 -3.65 -14.64
CA LYS C 12 105.64 -4.57 -15.56
C LYS C 12 106.53 -4.99 -16.73
N GLU C 13 107.11 -4.01 -17.40
CA GLU C 13 107.89 -4.22 -18.62
C GLU C 13 109.08 -5.11 -18.34
N ARG C 14 109.69 -4.86 -17.18
CA ARG C 14 110.89 -5.57 -16.77
C ARG C 14 110.59 -7.04 -16.56
N LEU C 15 109.59 -7.27 -15.70
CA LEU C 15 109.16 -8.62 -15.30
C LEU C 15 108.71 -9.46 -16.48
N LEU C 16 107.95 -8.84 -17.37
CA LEU C 16 107.59 -9.50 -18.61
C LEU C 16 108.80 -9.84 -19.48
N GLU C 17 109.72 -8.88 -19.68
CA GLU C 17 110.84 -9.15 -20.59
C GLU C 17 111.65 -10.31 -20.07
N GLU C 18 111.76 -10.38 -18.74
CA GLU C 18 112.32 -11.56 -18.09
C GLU C 18 111.51 -12.84 -18.37
N MET C 19 110.19 -12.79 -18.21
CA MET C 19 109.39 -14.01 -18.33
C MET C 19 109.40 -14.55 -19.75
N LEU C 20 109.43 -13.63 -20.70
CA LEU C 20 109.66 -13.98 -22.08
C LEU C 20 110.97 -14.70 -22.22
N LYS C 21 112.06 -14.03 -21.81
CA LYS C 21 113.43 -14.55 -21.97
C LYS C 21 113.65 -15.95 -21.38
N ARG C 22 113.26 -16.14 -20.13
CA ARG C 22 113.49 -17.42 -19.46
C ARG C 22 112.52 -18.45 -20.00
N GLY C 23 111.36 -18.01 -20.48
CA GLY C 23 110.39 -18.90 -21.11
C GLY C 23 110.01 -20.04 -20.21
N GLU C 24 110.03 -19.77 -18.91
CA GLU C 24 109.84 -20.78 -17.88
C GLU C 24 108.44 -20.63 -17.29
N ILE C 25 107.72 -21.72 -17.01
CA ILE C 25 106.45 -21.57 -16.29
C ILE C 25 106.81 -21.10 -14.87
N TYR C 26 105.88 -20.48 -14.14
CA TYR C 26 106.16 -20.05 -12.77
C TYR C 26 105.03 -20.41 -11.81
N SER C 27 105.39 -20.59 -10.55
CA SER C 27 104.40 -20.75 -9.50
C SER C 27 104.18 -19.44 -8.81
N ASN C 28 103.24 -19.46 -7.87
CA ASN C 28 103.00 -18.34 -7.00
C ASN C 28 104.30 -17.84 -6.39
N LYS C 29 105.04 -18.74 -5.77
CA LYS C 29 106.31 -18.34 -5.16
C LYS C 29 107.54 -18.49 -6.07
N THR C 30 107.44 -19.27 -7.16
CA THR C 30 108.61 -19.45 -8.04
C THR C 30 108.96 -18.12 -8.66
N ILE C 31 107.93 -17.32 -8.88
CA ILE C 31 108.03 -16.05 -9.57
C ILE C 31 108.94 -15.09 -8.83
N GLU C 32 109.11 -15.32 -7.53
CA GLU C 32 109.95 -14.49 -6.69
C GLU C 32 111.43 -14.71 -6.97
N THR C 33 111.73 -15.66 -7.86
CA THR C 33 113.08 -15.85 -8.36
C THR C 33 113.49 -14.59 -9.09
N LEU C 34 112.50 -14.04 -9.78
CA LEU C 34 112.73 -12.99 -10.75
C LEU C 34 112.84 -11.63 -10.08
N SER C 35 112.67 -11.59 -8.77
CA SER C 35 112.91 -10.35 -8.04
C SER C 35 114.36 -9.92 -8.26
N LYS C 36 115.24 -10.92 -8.36
CA LYS C 36 116.67 -10.67 -8.56
C LYS C 36 116.94 -9.98 -9.92
N PRO C 37 116.57 -10.61 -11.06
CA PRO C 37 116.85 -9.92 -12.32
C PRO C 37 115.98 -8.68 -12.60
N THR C 38 114.79 -8.58 -12.03
CA THR C 38 113.91 -7.43 -12.28
C THR C 38 114.10 -6.25 -11.35
N GLY C 39 114.80 -6.47 -10.24
CA GLY C 39 114.94 -5.46 -9.20
C GLY C 39 113.61 -5.00 -8.61
N ILE C 40 112.70 -5.94 -8.41
CA ILE C 40 111.44 -5.59 -7.78
C ILE C 40 111.39 -6.29 -6.42
N SER C 41 110.89 -5.57 -5.41
CA SER C 41 110.86 -6.11 -4.05
C SER C 41 110.15 -7.43 -4.05
N SER C 42 110.78 -8.47 -3.52
CA SER C 42 110.16 -9.78 -3.55
C SER C 42 108.83 -9.74 -2.76
N MET C 43 108.62 -8.67 -1.98
CA MET C 43 107.33 -8.37 -1.35
C MET C 43 106.30 -7.86 -2.36
N VAL C 44 106.76 -7.11 -3.36
CA VAL C 44 105.84 -6.60 -4.38
C VAL C 44 105.69 -7.39 -5.71
N ILE C 45 106.62 -8.31 -6.05
CA ILE C 45 106.56 -9.00 -7.37
C ILE C 45 105.20 -9.56 -7.70
N LYS C 46 104.65 -10.33 -6.74
CA LYS C 46 103.38 -11.02 -6.87
C LYS C 46 102.33 -10.04 -7.41
N ASN C 47 102.45 -8.80 -6.93
CA ASN C 47 101.53 -7.73 -7.28
C ASN C 47 101.74 -7.21 -8.70
N VAL C 48 103.00 -7.12 -9.10
CA VAL C 48 103.31 -6.77 -10.48
C VAL C 48 102.79 -7.87 -11.42
N LEU C 49 102.78 -9.11 -10.94
CA LEU C 49 102.22 -10.21 -11.71
C LEU C 49 100.73 -9.96 -11.89
N GLN C 50 100.07 -9.69 -10.77
CA GLN C 50 98.63 -9.49 -10.77
C GLN C 50 98.25 -8.41 -11.76
N ALA C 51 98.94 -7.27 -11.71
CA ALA C 51 98.68 -6.24 -12.71
C ALA C 51 98.92 -6.77 -14.15
N LEU C 52 99.94 -7.60 -14.35
CA LEU C 52 100.12 -8.16 -15.68
C LEU C 52 98.95 -9.04 -16.16
N VAL C 53 98.35 -9.82 -15.26
CA VAL C 53 97.32 -10.76 -15.70
C VAL C 53 96.03 -10.01 -15.94
N ASN C 54 95.79 -8.98 -15.13
CA ASN C 54 94.64 -8.12 -15.35
C ASN C 54 94.61 -7.59 -16.79
N GLU C 55 95.79 -7.29 -17.33
CA GLU C 55 95.96 -6.79 -18.70
C GLU C 55 96.29 -7.88 -19.74
N ASP C 56 96.14 -9.15 -19.34
CA ASP C 56 96.25 -10.28 -20.26
C ASP C 56 97.49 -10.16 -21.11
N LEU C 57 98.62 -9.92 -20.48
CA LEU C 57 99.89 -9.95 -21.20
C LEU C 57 100.64 -11.26 -20.98
N VAL C 58 100.07 -12.06 -20.08
CA VAL C 58 100.70 -13.26 -19.56
C VAL C 58 99.66 -14.36 -19.37
N ASP C 59 99.97 -15.58 -19.83
CA ASP C 59 99.04 -16.71 -19.67
C ASP C 59 98.98 -17.24 -18.24
N THR C 60 97.81 -17.23 -17.62
CA THR C 60 97.72 -17.84 -16.28
C THR C 60 96.79 -19.03 -16.30
N ASP C 61 96.93 -19.88 -15.28
CA ASP C 61 96.03 -21.02 -15.12
C ASP C 61 96.28 -21.78 -13.82
N LYS C 62 95.28 -22.55 -13.41
CA LYS C 62 95.38 -23.33 -12.18
C LYS C 62 95.45 -24.83 -12.46
N ILE C 63 96.46 -25.45 -11.87
CA ILE C 63 96.55 -26.90 -11.91
C ILE C 63 96.19 -27.43 -10.52
N GLY C 64 97.16 -27.39 -9.62
CA GLY C 64 97.03 -27.96 -8.30
C GLY C 64 96.34 -27.02 -7.34
N ALA C 65 96.83 -27.00 -6.11
CA ALA C 65 96.54 -25.90 -5.20
C ALA C 65 97.22 -24.65 -5.71
N SER C 66 98.22 -24.84 -6.58
CA SER C 66 99.03 -23.74 -7.13
C SER C 66 98.52 -23.07 -8.45
N THR C 67 98.77 -21.78 -8.55
CA THR C 67 98.50 -21.10 -9.81
C THR C 67 99.79 -20.86 -10.59
N TYR C 68 99.73 -21.09 -11.90
CA TYR C 68 100.92 -21.06 -12.69
C TYR C 68 100.80 -19.99 -13.76
N TYR C 69 101.92 -19.31 -14.00
CA TYR C 69 102.01 -18.10 -14.81
C TYR C 69 103.09 -18.32 -15.84
N TRP C 70 102.80 -18.05 -17.10
CA TRP C 70 103.85 -18.20 -18.11
C TRP C 70 103.61 -17.32 -19.31
N CYS C 71 104.68 -17.12 -20.08
CA CYS C 71 104.58 -16.21 -21.22
C CYS C 71 105.55 -16.47 -22.37
N PHE C 72 105.06 -16.30 -23.58
CA PHE C 72 105.91 -16.46 -24.75
C PHE C 72 105.54 -15.48 -25.84
N ALA C 73 106.12 -15.71 -27.01
CA ALA C 73 105.99 -14.84 -28.17
C ALA C 73 104.67 -15.03 -28.84
N SER C 74 104.32 -16.29 -29.02
CA SER C 74 103.11 -16.70 -29.72
C SER C 74 101.80 -16.29 -29.00
N LYS C 75 101.91 -15.71 -27.81
CA LYS C 75 100.74 -15.43 -26.99
C LYS C 75 99.61 -14.79 -27.76
N ARG C 76 99.83 -13.56 -28.22
CA ARG C 76 98.79 -12.78 -28.89
C ARG C 76 98.44 -13.41 -30.23
N SER C 77 99.48 -13.95 -30.88
CA SER C 77 99.32 -14.61 -32.17
C SER C 77 98.44 -15.89 -32.10
N GLN C 78 98.32 -16.45 -30.91
CA GLN C 78 97.57 -17.67 -30.68
C GLN C 78 96.19 -17.27 -30.28
N ALA C 79 96.09 -16.52 -29.19
CA ALA C 79 94.79 -16.07 -28.72
C ALA C 79 93.96 -15.52 -29.89
N ALA C 80 94.63 -14.75 -30.75
CA ALA C 80 94.02 -14.21 -31.97
C ALA C 80 93.43 -15.30 -32.89
N ARG C 81 94.28 -16.16 -33.45
CA ARG C 81 93.84 -17.23 -34.33
C ARG C 81 92.69 -18.03 -33.73
N THR C 82 92.90 -18.45 -32.50
CA THR C 82 91.89 -19.16 -31.73
C THR C 82 90.54 -18.45 -31.84
N GLU C 83 90.58 -17.15 -31.56
CA GLU C 83 89.39 -16.31 -31.62
C GLU C 83 88.75 -16.22 -33.00
N LEU C 84 89.58 -16.15 -34.02
CA LEU C 84 89.10 -16.10 -35.39
C LEU C 84 88.32 -17.34 -35.72
N ALA C 85 88.89 -18.51 -35.42
CA ALA C 85 88.25 -19.74 -35.91
C ALA C 85 87.05 -20.13 -35.05
N ARG C 86 87.11 -19.75 -33.77
CA ARG C 86 85.95 -19.86 -32.91
C ARG C 86 84.77 -19.08 -33.46
N LEU C 87 85.08 -17.85 -33.85
CA LEU C 87 84.06 -16.85 -34.14
C LEU C 87 83.54 -17.08 -35.54
N GLN C 88 84.38 -17.74 -36.32
CA GLN C 88 84.10 -18.06 -37.70
C GLN C 88 83.25 -19.31 -37.82
N LYS C 89 83.44 -20.27 -36.91
CA LYS C 89 82.53 -21.43 -36.83
C LYS C 89 81.24 -21.03 -36.15
N ALA C 90 81.32 -20.09 -35.22
CA ALA C 90 80.12 -19.47 -34.67
C ALA C 90 79.27 -18.91 -35.78
N LEU C 91 79.93 -18.25 -36.71
CA LEU C 91 79.23 -17.67 -37.86
C LEU C 91 78.71 -18.71 -38.85
N GLU C 92 79.56 -19.69 -39.16
CA GLU C 92 79.21 -20.81 -40.02
C GLU C 92 78.00 -21.63 -39.48
N GLU C 93 77.86 -21.72 -38.16
CA GLU C 93 76.73 -22.41 -37.55
C GLU C 93 75.48 -21.54 -37.47
N GLN C 94 75.66 -20.24 -37.27
CA GLN C 94 74.51 -19.35 -37.20
C GLN C 94 73.83 -19.15 -38.55
N THR C 95 74.61 -19.10 -39.62
CA THR C 95 74.02 -18.89 -40.94
C THR C 95 73.12 -20.06 -41.32
N ASN C 96 73.55 -21.25 -40.97
CA ASN C 96 72.70 -22.43 -41.08
C ASN C 96 71.35 -22.21 -40.35
N PHE C 97 71.38 -21.83 -39.07
CA PHE C 97 70.15 -21.60 -38.32
C PHE C 97 69.24 -20.50 -38.87
N ILE C 98 69.81 -19.45 -39.42
CA ILE C 98 68.95 -18.40 -39.96
C ILE C 98 68.37 -18.84 -41.30
N ASP C 99 69.14 -19.63 -42.03
CA ASP C 99 68.71 -20.11 -43.32
C ASP C 99 67.56 -21.06 -43.13
N LYS C 100 67.67 -21.90 -42.11
CA LYS C 100 66.60 -22.79 -41.74
C LYS C 100 65.38 -21.99 -41.33
N ALA C 101 65.60 -20.89 -40.62
CA ALA C 101 64.47 -20.08 -40.19
C ALA C 101 63.69 -19.48 -41.35
N THR C 102 64.38 -18.83 -42.29
CA THR C 102 63.67 -18.26 -43.43
C THR C 102 63.10 -19.35 -44.33
N ALA C 103 63.71 -20.53 -44.28
CA ALA C 103 63.10 -21.63 -45.00
C ALA C 103 61.74 -21.91 -44.39
N ARG C 104 61.70 -22.19 -43.09
CA ARG C 104 60.43 -22.58 -42.48
C ARG C 104 59.38 -21.46 -42.57
N ILE C 105 59.81 -20.20 -42.46
CA ILE C 105 58.90 -19.08 -42.74
C ILE C 105 58.41 -19.07 -44.19
N GLU C 106 59.30 -19.34 -45.13
CA GLU C 106 58.89 -19.31 -46.53
C GLU C 106 57.87 -20.41 -46.83
N GLU C 107 58.07 -21.55 -46.20
CA GLU C 107 57.11 -22.65 -46.27
C GLU C 107 55.77 -22.20 -45.72
N LEU C 108 55.78 -21.46 -44.62
CA LEU C 108 54.50 -21.04 -44.06
C LEU C 108 53.76 -20.03 -44.95
N LYS C 109 54.47 -18.99 -45.39
CA LYS C 109 53.88 -17.87 -46.11
C LYS C 109 53.06 -18.37 -47.29
N VAL C 110 53.31 -19.62 -47.69
CA VAL C 110 52.63 -20.23 -48.84
C VAL C 110 51.15 -20.06 -48.67
N GLY C 111 50.57 -20.84 -47.76
CA GLY C 111 49.15 -20.85 -47.60
C GLY C 111 48.51 -19.53 -47.19
N ARG C 112 49.28 -18.62 -46.63
CA ARG C 112 48.69 -17.39 -46.10
C ARG C 112 49.25 -16.11 -46.69
N GLU C 113 48.48 -15.47 -47.54
CA GLU C 113 48.90 -14.21 -48.10
C GLU C 113 48.01 -13.12 -47.55
N GLU C 114 48.56 -12.19 -46.77
CA GLU C 114 47.75 -11.11 -46.19
C GLU C 114 46.96 -10.45 -47.31
N THR C 115 45.69 -10.18 -47.02
CA THR C 115 44.74 -9.65 -48.00
C THR C 115 43.43 -9.26 -47.29
N GLU C 116 42.44 -8.84 -48.08
CA GLU C 116 41.11 -8.56 -47.53
C GLU C 116 40.40 -9.86 -47.14
N GLU C 117 40.37 -10.83 -48.06
CA GLU C 117 39.74 -12.11 -47.76
C GLU C 117 40.27 -12.66 -46.44
N ARG C 118 41.59 -12.56 -46.23
CA ARG C 118 42.19 -13.04 -44.97
C ARG C 118 41.76 -12.28 -43.73
N SER C 119 41.98 -10.99 -43.68
CA SER C 119 41.60 -10.26 -42.48
C SER C 119 40.09 -10.36 -42.18
N SER C 120 39.30 -10.47 -43.26
CA SER C 120 37.85 -10.58 -43.16
C SER C 120 37.42 -11.95 -42.61
N LEU C 121 37.96 -13.01 -43.22
CA LEU C 121 37.69 -14.38 -42.79
C LEU C 121 38.08 -14.55 -41.35
N LEU C 122 39.21 -13.97 -40.96
CA LEU C 122 39.59 -13.99 -39.55
C LEU C 122 38.55 -13.33 -38.65
N LYS C 123 38.22 -12.06 -38.93
CA LYS C 123 37.31 -11.37 -38.02
C LYS C 123 35.98 -12.12 -37.93
N GLU C 124 35.57 -12.68 -39.06
CA GLU C 124 34.26 -13.32 -39.17
C GLU C 124 34.19 -14.64 -38.45
N LYS C 125 35.24 -15.46 -38.62
CA LYS C 125 35.39 -16.64 -37.77
C LYS C 125 35.23 -16.22 -36.31
N LEU C 126 36.15 -15.41 -35.79
CA LEU C 126 36.07 -15.06 -34.36
C LEU C 126 34.67 -14.57 -33.97
N ALA C 127 34.01 -13.92 -34.93
CA ALA C 127 32.67 -13.38 -34.73
C ALA C 127 31.64 -14.48 -34.53
N LEU C 128 31.66 -15.43 -35.46
CA LEU C 128 30.81 -16.61 -35.43
C LEU C 128 31.00 -17.35 -34.13
N GLN C 129 32.27 -17.57 -33.78
CA GLN C 129 32.60 -18.24 -32.54
C GLN C 129 31.89 -17.58 -31.38
N VAL C 130 32.06 -16.28 -31.23
CA VAL C 130 31.32 -15.59 -30.18
C VAL C 130 29.80 -15.87 -30.22
N LYS C 131 29.21 -15.78 -31.41
CA LYS C 131 27.78 -16.07 -31.50
C LYS C 131 27.50 -17.44 -30.90
N LEU C 132 28.19 -18.46 -31.40
CA LEU C 132 28.01 -19.83 -30.92
C LEU C 132 28.17 -20.00 -29.40
N GLU C 133 29.15 -19.34 -28.81
CA GLU C 133 29.27 -19.40 -27.36
C GLU C 133 28.03 -18.80 -26.74
N GLU C 134 27.53 -17.74 -27.34
CA GLU C 134 26.32 -17.11 -26.81
C GLU C 134 25.11 -18.05 -26.86
N GLN C 135 24.98 -18.75 -27.99
CA GLN C 135 23.90 -19.71 -28.23
C GLN C 135 23.94 -20.90 -27.30
N ARG C 136 25.11 -21.50 -27.12
CA ARG C 136 25.25 -22.54 -26.11
C ARG C 136 24.71 -21.95 -24.81
N GLY C 137 25.19 -20.75 -24.42
CA GLY C 137 24.69 -20.09 -23.22
C GLY C 137 23.15 -20.06 -23.16
N THR C 138 22.56 -19.77 -24.31
CA THR C 138 21.11 -19.69 -24.43
C THR C 138 20.47 -21.06 -24.16
N PHE C 139 20.99 -22.11 -24.79
CA PHE C 139 20.51 -23.48 -24.57
C PHE C 139 20.62 -23.99 -23.11
N ARG C 140 21.79 -23.80 -22.49
CA ARG C 140 21.96 -24.05 -21.06
C ARG C 140 20.84 -23.35 -20.31
N ASP C 141 20.58 -22.10 -20.69
CA ASP C 141 19.58 -21.36 -19.97
C ASP C 141 18.20 -22.03 -20.19
N LEU C 142 17.95 -22.52 -21.41
CA LEU C 142 16.70 -23.22 -21.73
C LEU C 142 16.45 -24.49 -20.93
N LEU C 143 17.49 -25.17 -20.49
CA LEU C 143 17.25 -26.26 -19.54
C LEU C 143 17.04 -25.72 -18.12
N LYS C 144 18.00 -24.88 -17.68
CA LYS C 144 18.08 -24.45 -16.29
C LYS C 144 16.79 -23.79 -15.75
N ASN C 145 16.06 -23.07 -16.62
CA ASN C 145 14.89 -22.26 -16.24
C ASN C 145 13.58 -22.69 -16.94
N ASP C 146 12.69 -23.32 -16.16
CA ASP C 146 11.45 -23.90 -16.68
C ASP C 146 10.45 -22.85 -17.19
N PRO C 147 10.18 -22.88 -18.50
CA PRO C 147 9.21 -21.93 -19.07
C PRO C 147 7.89 -21.87 -18.30
N ASP C 148 7.31 -23.02 -18.01
CA ASP C 148 6.01 -23.06 -17.36
C ASP C 148 6.04 -22.45 -15.95
N VAL C 149 7.19 -22.48 -15.28
CA VAL C 149 7.31 -21.85 -13.98
C VAL C 149 7.43 -20.35 -14.11
N ALA C 150 8.17 -19.86 -15.11
CA ALA C 150 8.17 -18.42 -15.38
C ALA C 150 6.75 -17.92 -15.67
N GLN C 151 6.03 -18.64 -16.53
CA GLN C 151 4.65 -18.26 -16.84
C GLN C 151 3.79 -18.25 -15.57
N LYS C 152 3.83 -19.29 -14.74
CA LYS C 152 3.08 -19.26 -13.47
C LYS C 152 3.53 -18.09 -12.59
N LEU C 153 4.76 -17.67 -12.76
CA LEU C 153 5.23 -16.48 -12.07
C LEU C 153 4.57 -15.22 -12.61
N ARG C 154 4.57 -15.02 -13.93
CA ARG C 154 3.97 -13.84 -14.52
C ARG C 154 2.46 -13.80 -14.25
N ASN C 155 1.73 -14.89 -14.52
CA ASN C 155 0.31 -14.96 -14.19
C ASN C 155 0.03 -14.66 -12.73
N TYR C 156 0.67 -15.39 -11.82
CA TYR C 156 0.49 -15.04 -10.41
C TYR C 156 0.88 -13.59 -10.08
N THR C 157 1.82 -13.00 -10.83
CA THR C 157 2.29 -11.65 -10.53
C THR C 157 1.33 -10.61 -11.04
N ASP C 158 0.83 -10.77 -12.26
CA ASP C 158 -0.17 -9.87 -12.82
C ASP C 158 -1.39 -9.87 -11.92
N ILE C 159 -1.83 -11.07 -11.56
CA ILE C 159 -2.92 -11.19 -10.62
C ILE C 159 -2.63 -10.44 -9.31
N ALA C 160 -1.55 -10.78 -8.62
CA ALA C 160 -1.26 -10.16 -7.34
C ALA C 160 -1.20 -8.67 -7.48
N LYS C 161 -0.54 -8.23 -8.55
CA LYS C 161 -0.29 -6.82 -8.81
C LYS C 161 -1.61 -6.09 -8.89
N GLN C 162 -2.45 -6.55 -9.82
CA GLN C 162 -3.78 -6.02 -9.98
C GLN C 162 -4.40 -5.85 -8.60
N GLU C 163 -4.59 -6.96 -7.88
CA GLU C 163 -5.15 -6.87 -6.51
C GLU C 163 -4.54 -5.80 -5.62
N ALA C 164 -3.23 -5.62 -5.70
CA ALA C 164 -2.56 -4.62 -4.89
C ALA C 164 -3.02 -3.23 -5.31
N ASN C 165 -3.04 -3.01 -6.62
CA ASN C 165 -3.55 -1.79 -7.23
C ASN C 165 -4.98 -1.48 -6.76
N LEU C 166 -5.88 -2.46 -6.86
CA LEU C 166 -7.23 -2.37 -6.29
C LEU C 166 -7.24 -1.94 -4.83
N TRP C 167 -6.34 -2.42 -4.01
CA TRP C 167 -6.42 -1.94 -2.62
C TRP C 167 -5.90 -0.51 -2.53
N THR C 168 -5.05 -0.11 -3.48
CA THR C 168 -4.62 1.29 -3.60
C THR C 168 -5.83 2.19 -3.92
N ASP C 169 -6.63 1.74 -4.89
CA ASP C 169 -7.84 2.44 -5.30
C ASP C 169 -8.73 2.63 -4.08
N ASN C 170 -9.07 1.51 -3.42
CA ASN C 170 -9.79 1.58 -2.14
C ASN C 170 -9.18 2.59 -1.12
N ILE C 171 -7.85 2.58 -0.93
CA ILE C 171 -7.26 3.50 0.04
C ILE C 171 -7.55 4.95 -0.33
N PHE C 172 -7.54 5.26 -1.64
CA PHE C 172 -7.83 6.65 -2.04
C PHE C 172 -9.30 7.06 -1.91
N CYS C 173 -10.21 6.10 -2.13
CA CYS C 173 -11.62 6.32 -1.80
C CYS C 173 -11.79 6.70 -0.34
N LEU C 174 -11.27 5.84 0.52
CA LEU C 174 -11.32 6.13 1.94
C LEU C 174 -10.84 7.55 2.18
N GLN C 175 -9.75 7.92 1.53
CA GLN C 175 -9.15 9.22 1.79
C GLN C 175 -10.12 10.34 1.46
N LYS C 176 -10.74 10.20 0.30
CA LYS C 176 -11.80 11.10 -0.12
C LYS C 176 -12.80 11.27 1.02
N TYR C 177 -13.44 10.17 1.40
CA TYR C 177 -14.39 10.16 2.51
C TYR C 177 -13.87 10.84 3.79
N MET C 178 -12.68 10.50 4.24
CA MET C 178 -12.19 11.05 5.50
C MET C 178 -11.90 12.53 5.41
N LEU C 179 -11.72 13.01 4.18
CA LEU C 179 -11.45 14.43 3.91
C LEU C 179 -12.71 15.23 3.87
N THR C 180 -13.60 14.84 2.96
CA THR C 180 -14.87 15.52 2.76
C THR C 180 -15.96 15.14 3.79
N LYS C 181 -16.48 13.92 3.73
CA LYS C 181 -17.57 13.54 4.63
C LYS C 181 -17.21 13.44 6.10
N LEU C 182 -15.93 13.26 6.44
CA LEU C 182 -15.58 13.30 7.85
C LEU C 182 -14.92 14.59 8.29
N GLN C 183 -14.58 15.44 7.31
CA GLN C 183 -13.89 16.72 7.56
C GLN C 183 -12.63 16.64 8.41
N MET C 184 -11.61 15.97 7.90
CA MET C 184 -10.47 15.66 8.73
C MET C 184 -9.20 16.35 8.21
N ASP C 185 -8.24 16.52 9.09
CA ASP C 185 -6.99 17.14 8.70
C ASP C 185 -6.26 16.34 7.61
N LYS C 186 -5.74 17.06 6.62
CA LYS C 186 -5.00 16.46 5.50
C LYS C 186 -3.78 15.62 5.93
N LYS C 187 -2.95 16.20 6.81
CA LYS C 187 -1.78 15.50 7.31
C LYS C 187 -2.22 14.32 8.15
N THR C 188 -3.34 14.48 8.86
CA THR C 188 -3.86 13.41 9.71
C THR C 188 -4.39 12.25 8.86
N VAL C 189 -5.13 12.56 7.81
CA VAL C 189 -5.63 11.50 6.93
C VAL C 189 -4.48 10.85 6.17
N SER C 190 -3.45 11.63 5.85
CA SER C 190 -2.40 11.11 5.00
C SER C 190 -1.45 10.20 5.79
N THR C 191 -1.07 10.61 7.00
CA THR C 191 -0.19 9.72 7.76
C THR C 191 -1.01 8.60 8.34
N ALA C 192 -2.34 8.75 8.39
CA ALA C 192 -3.17 7.64 8.85
C ALA C 192 -3.26 6.52 7.80
N LEU C 193 -3.76 6.84 6.61
CA LEU C 193 -3.82 5.84 5.54
C LEU C 193 -2.42 5.39 5.13
N GLY C 194 -1.41 6.10 5.62
CA GLY C 194 -0.04 5.86 5.18
C GLY C 194 0.18 6.20 3.70
N ILE C 195 -0.10 7.46 3.35
CA ILE C 195 0.03 7.93 1.99
C ILE C 195 1.11 8.98 1.89
N THR C 196 1.91 8.92 0.81
CA THR C 196 2.77 10.03 0.40
C THR C 196 2.39 10.43 -1.03
N GLY C 197 3.14 11.35 -1.62
CA GLY C 197 2.96 11.59 -3.04
C GLY C 197 3.61 10.52 -3.91
N GLU C 198 4.51 9.75 -3.30
CA GLU C 198 5.15 8.62 -3.99
C GLU C 198 4.28 7.35 -3.96
N PHE C 199 3.38 7.23 -3.01
CA PHE C 199 2.42 6.11 -3.00
C PHE C 199 1.73 6.04 -4.35
N ASP C 200 1.71 4.89 -5.01
CA ASP C 200 1.03 4.77 -6.32
C ASP C 200 0.76 3.35 -6.70
N TYR C 201 0.31 3.15 -7.94
CA TYR C 201 0.12 1.83 -8.53
C TYR C 201 1.44 1.05 -8.65
N LEU C 202 1.32 -0.25 -8.88
CA LEU C 202 2.50 -1.02 -9.27
C LEU C 202 2.58 -1.15 -10.80
N ALA D 8 97.86 -43.73 -27.29
CA ALA D 8 99.30 -43.76 -27.03
C ALA D 8 99.94 -42.34 -27.06
N PHE D 9 101.21 -42.26 -27.48
CA PHE D 9 102.01 -41.02 -27.55
C PHE D 9 101.22 -39.95 -28.25
N ALA D 10 100.51 -40.36 -29.31
CA ALA D 10 99.66 -39.46 -30.07
C ALA D 10 98.30 -39.19 -29.38
N ALA D 11 97.94 -40.03 -28.42
CA ALA D 11 96.71 -39.81 -27.64
C ALA D 11 96.92 -38.71 -26.59
N VAL D 12 98.15 -38.60 -26.06
CA VAL D 12 98.51 -37.49 -25.19
C VAL D 12 98.72 -36.24 -26.05
N LYS D 13 99.51 -36.39 -27.13
CA LYS D 13 99.80 -35.25 -27.98
C LYS D 13 98.50 -34.57 -28.38
N GLU D 14 97.52 -35.35 -28.84
CA GLU D 14 96.27 -34.75 -29.33
C GLU D 14 95.57 -33.96 -28.24
N LEU D 15 95.91 -34.22 -26.98
CA LEU D 15 95.41 -33.45 -25.83
C LEU D 15 96.17 -32.16 -25.66
N MET D 16 97.49 -32.28 -25.67
CA MET D 16 98.31 -31.17 -25.26
C MET D 16 98.65 -30.16 -26.37
N GLN D 17 98.44 -30.54 -27.62
CA GLN D 17 98.46 -29.57 -28.71
C GLN D 17 97.13 -28.84 -28.82
N THR D 18 96.03 -29.59 -28.78
CA THR D 18 94.71 -28.98 -28.93
C THR D 18 94.36 -28.01 -27.80
N SER D 19 94.90 -28.22 -26.62
CA SER D 19 94.73 -27.22 -25.56
C SER D 19 96.08 -26.85 -24.96
N ASN D 20 96.41 -25.57 -25.08
CA ASN D 20 97.71 -25.06 -24.63
C ASN D 20 97.74 -24.86 -23.15
N LYS D 21 96.62 -25.13 -22.48
CA LYS D 21 96.66 -25.15 -21.03
C LYS D 21 97.66 -26.26 -20.60
N PRO D 22 98.64 -25.93 -19.74
CA PRO D 22 99.84 -26.71 -19.44
C PRO D 22 99.59 -27.92 -18.54
N GLN D 23 100.50 -28.91 -18.53
CA GLN D 23 100.30 -30.11 -17.71
C GLN D 23 101.54 -30.96 -17.26
N ASN D 24 101.43 -31.54 -16.07
CA ASN D 24 102.41 -32.44 -15.42
C ASN D 24 102.17 -33.91 -15.85
N VAL D 25 102.69 -34.89 -15.10
CA VAL D 25 102.36 -36.34 -15.30
C VAL D 25 100.92 -36.82 -14.81
N GLN D 26 100.53 -36.58 -13.57
CA GLN D 26 99.22 -37.11 -13.18
C GLN D 26 98.12 -36.37 -13.87
N THR D 27 98.33 -35.11 -14.28
CA THR D 27 97.19 -34.41 -14.86
C THR D 27 96.94 -34.94 -16.25
N ALA D 28 98.03 -35.38 -16.88
CA ALA D 28 97.91 -36.03 -18.17
C ALA D 28 96.97 -37.22 -18.02
N ILE D 29 97.37 -38.15 -17.16
CA ILE D 29 96.64 -39.38 -16.93
C ILE D 29 95.26 -39.15 -16.25
N ASN D 30 95.05 -37.95 -15.71
CA ASN D 30 93.77 -37.59 -15.06
C ASN D 30 92.60 -37.74 -16.03
N ASN D 31 92.44 -36.85 -17.00
CA ASN D 31 91.69 -37.32 -18.14
C ASN D 31 92.61 -37.27 -19.35
N THR D 32 92.97 -38.50 -19.72
CA THR D 32 93.10 -38.97 -21.10
C THR D 32 91.66 -39.25 -21.67
N GLY D 33 90.82 -40.05 -20.97
CA GLY D 33 91.05 -40.59 -19.62
C GLY D 33 91.68 -41.97 -19.36
N SER D 34 92.49 -42.03 -18.28
CA SER D 34 92.89 -43.25 -17.55
C SER D 34 93.46 -44.38 -18.40
N LYS D 35 94.03 -44.07 -19.56
CA LYS D 35 94.43 -45.11 -20.50
C LYS D 35 95.88 -45.56 -20.32
N TYR D 36 96.64 -44.80 -19.55
CA TYR D 36 98.08 -45.04 -19.49
C TYR D 36 98.58 -44.96 -18.04
N GLY D 37 99.69 -45.63 -17.78
CA GLY D 37 100.19 -45.73 -16.43
C GLY D 37 100.82 -44.41 -16.00
N LYS D 38 101.69 -44.48 -14.99
CA LYS D 38 102.44 -43.30 -14.57
C LYS D 38 103.63 -43.02 -15.49
N THR D 39 104.42 -44.07 -15.74
CA THR D 39 105.73 -43.93 -16.37
C THR D 39 105.63 -43.74 -17.88
N THR D 40 104.80 -44.56 -18.52
CA THR D 40 104.60 -44.53 -19.96
C THR D 40 104.13 -43.16 -20.47
N VAL D 41 103.49 -42.39 -19.60
CA VAL D 41 103.11 -41.03 -19.93
C VAL D 41 104.38 -40.16 -19.96
N GLN D 42 105.18 -40.27 -18.90
CA GLN D 42 106.39 -39.47 -18.77
C GLN D 42 107.41 -39.69 -19.89
N LYS D 43 107.55 -40.95 -20.33
CA LYS D 43 108.37 -41.29 -21.51
C LYS D 43 107.97 -40.44 -22.72
N ALA D 44 106.67 -40.44 -22.98
CA ALA D 44 106.10 -39.68 -24.07
C ALA D 44 106.45 -38.21 -23.93
N LEU D 45 106.16 -37.61 -22.77
CA LEU D 45 106.45 -36.17 -22.59
C LEU D 45 107.93 -35.81 -22.70
N ASP D 46 108.78 -36.75 -22.32
CA ASP D 46 110.23 -36.60 -22.41
C ASP D 46 110.71 -36.63 -23.87
N GLU D 47 110.18 -37.56 -24.65
CA GLU D 47 110.54 -37.63 -26.07
C GLU D 47 109.93 -36.42 -26.77
N LEU D 48 108.85 -35.92 -26.19
CA LEU D 48 108.27 -34.67 -26.64
C LEU D 48 109.30 -33.56 -26.44
N VAL D 49 110.04 -33.60 -25.33
CA VAL D 49 111.06 -32.57 -25.07
C VAL D 49 112.39 -32.76 -25.83
N ALA D 50 112.78 -34.00 -26.13
CA ALA D 50 114.01 -34.27 -26.89
C ALA D 50 113.89 -33.74 -28.32
N GLN D 51 112.67 -33.83 -28.86
CA GLN D 51 112.32 -33.33 -30.18
C GLN D 51 111.85 -31.87 -30.08
N ASN D 52 111.79 -31.39 -28.84
CA ASN D 52 111.28 -30.05 -28.51
C ASN D 52 109.84 -29.88 -28.94
N LEU D 53 109.03 -30.91 -28.77
CA LEU D 53 107.59 -30.81 -29.02
C LEU D 53 106.85 -30.47 -27.74
N CYS D 54 107.60 -30.25 -26.66
CA CYS D 54 107.07 -29.73 -25.39
C CYS D 54 108.16 -29.03 -24.57
N ILE D 55 107.83 -28.65 -23.33
CA ILE D 55 108.75 -27.87 -22.50
C ILE D 55 108.56 -28.15 -21.00
N TYR D 56 109.61 -27.93 -20.18
CA TYR D 56 109.49 -28.12 -18.73
C TYR D 56 110.12 -27.00 -17.90
N LEU D 65 107.30 -29.39 -14.75
CA LEU D 65 105.95 -29.20 -15.26
C LEU D 65 106.00 -29.02 -16.77
N TYR D 66 105.14 -29.71 -17.51
CA TYR D 66 105.31 -29.70 -18.95
C TYR D 66 104.14 -29.14 -19.78
N LEU D 67 104.49 -28.64 -20.96
CA LEU D 67 103.55 -27.87 -21.75
C LEU D 67 103.93 -27.96 -23.24
N TRP D 68 102.95 -27.74 -24.12
CA TRP D 68 103.20 -27.70 -25.56
C TRP D 68 104.16 -26.57 -25.86
N ASN D 69 105.25 -26.84 -26.57
CA ASN D 69 106.27 -25.81 -26.62
C ASN D 69 105.71 -24.61 -27.38
N GLN D 70 105.56 -23.46 -26.73
CA GLN D 70 104.91 -22.36 -27.43
C GLN D 70 105.72 -21.76 -28.52
N ASN D 71 106.98 -22.12 -28.61
CA ASN D 71 107.83 -21.47 -29.58
C ASN D 71 107.62 -22.06 -30.94
N LEU D 72 106.89 -23.18 -31.01
CA LEU D 72 106.52 -23.80 -32.29
C LEU D 72 105.36 -23.07 -32.99
N LEU D 73 104.48 -22.48 -32.20
CA LEU D 73 103.33 -21.76 -32.72
C LEU D 73 103.80 -20.51 -33.44
N GLU D 74 103.43 -20.38 -34.73
CA GLU D 74 103.84 -19.25 -35.54
C GLU D 74 103.43 -17.94 -34.91
N VAL D 75 104.33 -16.97 -35.01
CA VAL D 75 104.05 -15.66 -34.45
C VAL D 75 103.79 -14.64 -35.55
N LEU D 76 102.61 -14.03 -35.52
CA LEU D 76 102.22 -13.12 -36.58
C LEU D 76 102.95 -11.79 -36.47
N SER D 77 103.21 -11.18 -37.63
CA SER D 77 103.83 -9.86 -37.69
C SER D 77 102.91 -8.87 -37.00
N ASP D 78 103.48 -7.77 -36.53
CA ASP D 78 102.74 -6.76 -35.79
C ASP D 78 101.63 -6.18 -36.68
N ALA D 79 101.94 -6.16 -37.97
CA ALA D 79 101.01 -5.76 -39.01
C ALA D 79 99.88 -6.77 -39.24
N GLN D 80 100.20 -8.06 -39.54
CA GLN D 80 99.24 -9.21 -39.62
C GLN D 80 98.20 -9.28 -38.51
N LEU D 81 98.64 -9.05 -37.28
CA LEU D 81 97.75 -9.17 -36.13
C LEU D 81 96.67 -8.10 -36.23
N MET D 82 96.97 -7.03 -36.96
CA MET D 82 95.99 -5.96 -37.12
C MET D 82 94.92 -6.37 -38.12
N GLU D 83 95.36 -6.99 -39.21
CA GLU D 83 94.42 -7.50 -40.19
C GLU D 83 93.56 -8.60 -39.57
N VAL D 84 94.21 -9.56 -38.92
CA VAL D 84 93.47 -10.65 -38.28
C VAL D 84 92.47 -10.07 -37.29
N ASN D 85 92.91 -9.11 -36.50
CA ASN D 85 91.96 -8.46 -35.62
C ASN D 85 90.87 -7.70 -36.38
N ALA D 86 91.13 -7.34 -37.63
CA ALA D 86 90.07 -6.73 -38.43
C ALA D 86 88.99 -7.75 -38.71
N GLN D 87 89.41 -8.88 -39.28
CA GLN D 87 88.50 -9.99 -39.56
C GLN D 87 87.66 -10.32 -38.31
N ILE D 88 88.34 -10.45 -37.17
CA ILE D 88 87.67 -10.78 -35.92
C ILE D 88 86.72 -9.69 -35.45
N ASN D 89 87.09 -8.44 -35.70
CA ASN D 89 86.25 -7.35 -35.22
C ASN D 89 85.02 -7.30 -36.09
N ASP D 90 85.23 -7.59 -37.37
CA ASP D 90 84.15 -7.68 -38.36
C ASP D 90 83.29 -8.89 -38.13
N LEU D 91 83.88 -9.92 -37.52
CA LEU D 91 83.16 -11.18 -37.41
C LEU D 91 82.17 -11.17 -36.27
N LYS D 92 82.52 -10.53 -35.16
CA LYS D 92 81.52 -10.39 -34.09
C LYS D 92 80.35 -9.59 -34.62
N ALA D 93 80.65 -8.78 -35.62
CA ALA D 93 79.65 -7.95 -36.28
C ALA D 93 78.55 -8.79 -36.96
N GLN D 94 79.00 -9.74 -37.80
CA GLN D 94 78.10 -10.63 -38.51
C GLN D 94 77.28 -11.40 -37.48
N VAL D 95 77.95 -12.06 -36.55
CA VAL D 95 77.28 -12.87 -35.54
C VAL D 95 76.26 -12.09 -34.72
N GLU D 96 76.65 -10.90 -34.28
CA GLU D 96 75.77 -10.09 -33.44
C GLU D 96 74.50 -9.77 -34.20
N LYS D 97 74.65 -9.47 -35.50
CA LYS D 97 73.50 -9.20 -36.35
C LYS D 97 72.56 -10.42 -36.49
N LEU D 98 73.17 -11.54 -36.89
CA LEU D 98 72.47 -12.80 -37.06
C LEU D 98 71.67 -13.22 -35.85
N THR D 99 72.19 -13.01 -34.64
CA THR D 99 71.42 -13.42 -33.47
C THR D 99 70.09 -12.64 -33.44
N GLN D 100 70.17 -11.32 -33.45
CA GLN D 100 68.98 -10.47 -33.43
C GLN D 100 67.96 -10.89 -34.50
N GLN D 101 68.43 -11.05 -35.73
CA GLN D 101 67.57 -11.56 -36.78
C GLN D 101 66.93 -12.87 -36.36
N GLY D 102 67.70 -13.72 -35.69
CA GLY D 102 67.19 -15.01 -35.25
C GLY D 102 66.03 -14.83 -34.30
N GLU D 103 66.12 -13.78 -33.50
CA GLU D 103 65.06 -13.43 -32.58
C GLU D 103 63.81 -12.91 -33.33
N THR D 104 64.03 -12.04 -34.30
CA THR D 104 62.90 -11.46 -35.03
C THR D 104 62.20 -12.54 -35.86
N LEU D 105 62.98 -13.50 -36.36
CA LEU D 105 62.39 -14.62 -37.08
C LEU D 105 61.64 -15.55 -36.12
N ARG D 106 62.17 -15.73 -34.90
CA ARG D 106 61.45 -16.48 -33.87
C ARG D 106 60.08 -15.87 -33.65
N ILE D 107 60.00 -14.53 -33.73
CA ILE D 107 58.70 -13.82 -33.63
C ILE D 107 57.76 -13.95 -34.86
N THR D 108 58.26 -13.62 -36.05
CA THR D 108 57.38 -13.62 -37.22
C THR D 108 56.87 -15.06 -37.50
N GLN D 109 57.69 -16.06 -37.12
CA GLN D 109 57.29 -17.44 -37.27
C GLN D 109 56.03 -17.70 -36.48
N ARG D 110 56.08 -17.44 -35.18
CA ARG D 110 54.94 -17.61 -34.28
C ARG D 110 53.72 -16.89 -34.85
N ASN D 111 53.91 -15.61 -35.19
CA ASN D 111 52.81 -14.80 -35.71
C ASN D 111 52.20 -15.40 -36.97
N LEU D 112 52.96 -16.17 -37.73
CA LEU D 112 52.36 -16.88 -38.86
C LEU D 112 51.61 -18.13 -38.44
N GLU D 113 52.16 -18.90 -37.49
CA GLU D 113 51.53 -20.17 -37.13
C GLU D 113 50.29 -19.96 -36.26
N ALA D 114 50.08 -18.73 -35.80
CA ALA D 114 48.93 -18.39 -34.95
C ALA D 114 47.60 -18.66 -35.64
N ALA D 115 47.61 -18.65 -36.97
CA ALA D 115 46.40 -18.85 -37.76
C ALA D 115 46.65 -19.85 -38.90
N PRO D 116 45.60 -20.51 -39.40
CA PRO D 116 45.73 -21.51 -40.48
C PRO D 116 45.72 -20.90 -41.87
N ILE D 117 45.89 -21.74 -42.90
CA ILE D 117 45.84 -21.36 -44.33
C ILE D 117 44.49 -20.74 -44.70
N THR D 118 44.49 -19.71 -45.55
CA THR D 118 43.24 -19.08 -45.99
C THR D 118 42.26 -20.06 -46.69
N GLU D 119 42.81 -21.10 -47.32
CA GLU D 119 42.03 -22.15 -47.97
C GLU D 119 41.32 -23.13 -47.03
N VAL D 120 41.90 -23.41 -45.86
CA VAL D 120 41.15 -24.15 -44.83
C VAL D 120 40.27 -23.17 -44.07
N LEU D 121 40.75 -21.95 -43.95
CA LEU D 121 40.07 -20.91 -43.23
C LEU D 121 38.66 -20.71 -43.78
N LYS D 122 38.56 -20.76 -45.11
CA LYS D 122 37.24 -20.65 -45.73
C LYS D 122 36.39 -21.89 -45.43
N GLN D 123 37.02 -23.04 -45.24
CA GLN D 123 36.26 -24.22 -44.84
C GLN D 123 35.64 -24.04 -43.45
N GLU D 124 36.48 -23.60 -42.53
CA GLU D 124 36.10 -23.35 -41.15
C GLU D 124 34.98 -22.32 -41.03
N VAL D 125 35.04 -21.24 -41.80
CA VAL D 125 33.98 -20.26 -41.67
C VAL D 125 32.74 -20.75 -42.42
N ASP D 126 32.92 -21.57 -43.46
CA ASP D 126 31.76 -22.16 -44.11
C ASP D 126 30.93 -22.96 -43.11
N GLU D 127 31.57 -23.93 -42.46
CA GLU D 127 30.85 -24.75 -41.49
C GLU D 127 30.34 -23.94 -40.32
N LEU D 128 31.16 -23.06 -39.75
CA LEU D 128 30.68 -22.23 -38.66
C LEU D 128 29.42 -21.44 -39.01
N ARG D 129 29.38 -20.92 -40.23
CA ARG D 129 28.17 -20.27 -40.71
C ARG D 129 27.02 -21.27 -40.60
N GLN D 130 27.21 -22.41 -41.26
CA GLN D 130 26.18 -23.43 -41.38
C GLN D 130 25.71 -23.95 -40.03
N GLN D 131 26.53 -23.77 -39.00
CA GLN D 131 26.12 -24.12 -37.65
C GLN D 131 25.26 -23.01 -37.10
N VAL D 132 25.83 -21.81 -36.93
CA VAL D 132 25.07 -20.71 -36.32
C VAL D 132 23.65 -20.55 -36.92
N SER D 133 23.54 -20.70 -38.25
CA SER D 133 22.23 -20.65 -38.92
C SER D 133 21.23 -21.69 -38.39
N ALA D 134 21.57 -22.97 -38.58
CA ALA D 134 20.72 -24.07 -38.12
C ALA D 134 20.38 -23.94 -36.62
N ASN D 135 21.38 -23.59 -35.83
CA ASN D 135 21.18 -23.24 -34.44
C ASN D 135 20.10 -22.19 -34.26
N ASP D 136 20.11 -21.20 -35.14
CA ASP D 136 19.14 -20.12 -35.02
C ASP D 136 17.77 -20.69 -35.29
N GLU D 137 17.63 -21.51 -36.33
CA GLU D 137 16.31 -22.11 -36.60
C GLU D 137 15.78 -22.96 -35.44
N LYS D 138 16.64 -23.82 -34.91
CA LYS D 138 16.29 -24.63 -33.74
C LYS D 138 15.76 -23.75 -32.64
N LEU D 139 16.54 -22.72 -32.34
CA LEU D 139 16.16 -21.75 -31.34
C LEU D 139 14.82 -21.04 -31.61
N ARG D 140 14.53 -20.73 -32.88
CA ARG D 140 13.29 -20.04 -33.20
C ARG D 140 12.08 -20.92 -32.91
N LEU D 141 12.13 -22.12 -33.48
CA LEU D 141 11.11 -23.11 -33.24
C LEU D 141 10.87 -23.29 -31.76
N VAL D 142 11.93 -23.43 -30.97
CA VAL D 142 11.76 -23.56 -29.52
C VAL D 142 11.10 -22.34 -28.93
N ARG D 143 11.42 -21.19 -29.49
CA ARG D 143 10.85 -19.92 -29.04
C ARG D 143 9.38 -19.76 -29.39
N GLU D 144 8.84 -20.64 -30.22
CA GLU D 144 7.39 -20.59 -30.41
C GLU D 144 6.69 -21.08 -29.15
N SER D 145 6.78 -22.37 -28.88
CA SER D 145 6.07 -22.98 -27.75
C SER D 145 6.68 -22.66 -26.38
N ASN D 146 7.85 -22.01 -26.39
CA ASN D 146 8.55 -21.69 -25.15
C ASN D 146 8.99 -20.24 -25.12
N ALA D 147 9.27 -19.75 -23.91
CA ALA D 147 9.86 -18.42 -23.69
C ALA D 147 11.41 -18.37 -23.83
N ILE D 148 12.07 -19.43 -23.37
CA ILE D 148 13.52 -19.44 -23.08
C ILE D 148 13.93 -18.20 -22.26
N VAL D 149 13.59 -18.24 -20.99
CA VAL D 149 13.97 -17.25 -19.98
C VAL D 149 15.40 -17.39 -19.49
N SER D 150 16.10 -16.26 -19.31
CA SER D 150 17.48 -16.26 -18.81
C SER D 150 17.59 -16.48 -17.30
N ASP D 151 18.80 -16.37 -16.78
CA ASP D 151 19.06 -16.53 -15.35
C ASP D 151 18.67 -15.26 -14.54
N ALA D 152 19.17 -14.11 -15.00
CA ALA D 152 18.80 -12.82 -14.40
C ALA D 152 17.33 -12.54 -14.64
N ASP D 153 16.84 -12.99 -15.79
CA ASP D 153 15.42 -12.92 -16.12
C ASP D 153 14.51 -13.55 -15.05
N MET D 154 14.85 -14.76 -14.65
CA MET D 154 14.05 -15.52 -13.69
C MET D 154 14.26 -14.91 -12.34
N LEU D 155 15.43 -14.34 -12.14
CA LEU D 155 15.68 -13.58 -10.92
C LEU D 155 14.66 -12.44 -10.71
N THR D 156 14.67 -11.46 -11.62
CA THR D 156 13.72 -10.34 -11.55
C THR D 156 12.32 -10.86 -11.47
N LEU D 157 11.98 -11.74 -12.41
CA LEU D 157 10.63 -12.29 -12.50
C LEU D 157 10.10 -12.74 -11.13
N GLN D 158 10.96 -13.36 -10.35
CA GLN D 158 10.59 -13.70 -8.98
C GLN D 158 10.51 -12.52 -8.05
N LYS D 159 11.50 -11.63 -8.13
CA LYS D 159 11.48 -10.46 -7.24
C LYS D 159 10.16 -9.71 -7.34
N ASN D 160 9.65 -9.63 -8.57
CA ASN D 160 8.37 -9.04 -8.86
C ASN D 160 7.23 -9.70 -8.11
N TYR D 161 7.09 -11.01 -8.27
CA TYR D 161 6.09 -11.75 -7.52
C TYR D 161 6.22 -11.47 -6.00
N LYS D 162 7.44 -11.28 -5.52
CA LYS D 162 7.60 -11.03 -4.11
C LYS D 162 7.10 -9.66 -3.71
N ASP D 163 7.36 -8.66 -4.55
CA ASP D 163 7.02 -7.28 -4.18
C ASP D 163 5.56 -6.96 -4.43
N ALA D 164 5.03 -7.54 -5.50
CA ALA D 164 3.59 -7.48 -5.79
C ALA D 164 2.87 -8.09 -4.60
N MET D 165 3.28 -9.29 -4.22
CA MET D 165 2.65 -10.00 -3.12
C MET D 165 2.77 -9.23 -1.81
N THR D 166 3.95 -8.67 -1.56
CA THR D 166 4.14 -7.92 -0.32
C THR D 166 3.20 -6.72 -0.28
N ALA D 167 3.19 -5.98 -1.39
CA ALA D 167 2.27 -4.86 -1.61
C ALA D 167 0.87 -5.26 -1.22
N TRP D 168 0.27 -6.15 -2.00
CA TRP D 168 -1.09 -6.55 -1.78
C TRP D 168 -1.39 -6.81 -0.31
N ALA D 169 -0.57 -7.62 0.34
CA ALA D 169 -0.77 -7.82 1.78
C ALA D 169 -0.74 -6.50 2.60
N THR D 170 0.24 -5.62 2.37
CA THR D 170 0.41 -4.45 3.26
C THR D 170 -0.61 -3.34 3.03
N ARG D 171 -0.92 -3.12 1.76
CA ARG D 171 -2.02 -2.29 1.33
C ARG D 171 -3.31 -2.76 1.96
N ARG D 172 -3.81 -3.92 1.56
CA ARG D 172 -5.08 -4.44 2.10
C ARG D 172 -5.11 -4.40 3.63
N ALA D 173 -3.95 -4.67 4.22
CA ALA D 173 -3.78 -4.59 5.67
C ALA D 173 -4.10 -3.22 6.24
N LYS D 174 -3.46 -2.18 5.71
CA LYS D 174 -3.64 -0.83 6.27
C LYS D 174 -5.01 -0.29 5.95
N CYS D 175 -5.50 -0.66 4.78
CA CYS D 175 -6.83 -0.31 4.36
C CYS D 175 -7.83 -0.77 5.40
N ARG D 176 -7.89 -2.07 5.69
CA ARG D 176 -8.90 -2.53 6.64
C ARG D 176 -8.56 -2.15 8.08
N GLU D 177 -7.28 -1.87 8.33
CA GLU D 177 -6.88 -1.27 9.60
C GLU D 177 -7.69 -0.02 9.85
N VAL D 178 -7.83 0.86 8.85
CA VAL D 178 -8.69 2.04 9.06
C VAL D 178 -10.18 1.77 8.85
N ILE D 179 -10.52 0.97 7.83
CA ILE D 179 -11.89 0.66 7.46
C ILE D 179 -12.63 0.19 8.70
N ASP D 180 -11.90 -0.49 9.57
CA ASP D 180 -12.53 -1.00 10.75
C ASP D 180 -12.78 0.15 11.72
N THR D 181 -11.78 0.98 12.01
CA THR D 181 -12.02 2.09 12.95
C THR D 181 -13.18 2.99 12.50
N LEU D 182 -13.23 3.32 11.23
CA LEU D 182 -14.32 4.12 10.71
C LEU D 182 -15.66 3.40 10.79
N SER D 183 -15.74 2.15 10.35
CA SER D 183 -17.04 1.51 10.42
C SER D 183 -17.50 1.29 11.89
N GLU D 184 -16.58 1.06 12.83
CA GLU D 184 -17.02 0.86 14.22
C GLU D 184 -17.42 2.19 14.84
N GLY D 185 -16.92 3.29 14.30
CA GLY D 185 -17.32 4.60 14.82
C GLY D 185 -18.75 4.92 14.44
N MET D 186 -19.11 4.38 13.28
CA MET D 186 -20.36 4.64 12.61
C MET D 186 -21.29 3.51 12.96
N GLY D 187 -20.73 2.54 13.67
CA GLY D 187 -21.46 1.38 14.14
C GLY D 187 -22.10 0.55 13.06
N VAL D 188 -21.42 0.39 11.92
CA VAL D 188 -21.93 -0.48 10.89
C VAL D 188 -20.91 -1.57 10.60
N LYS D 189 -21.37 -2.65 9.97
CA LYS D 189 -20.46 -3.71 9.59
C LYS D 189 -19.55 -3.23 8.47
N PRO D 190 -18.25 -3.50 8.62
CA PRO D 190 -17.21 -3.18 7.63
C PRO D 190 -17.54 -3.74 6.26
N SER D 191 -18.33 -4.79 6.19
CA SER D 191 -18.72 -5.34 4.91
C SER D 191 -19.83 -4.49 4.26
N ALA D 192 -20.52 -3.71 5.07
CA ALA D 192 -21.64 -2.88 4.60
C ALA D 192 -21.12 -1.53 4.16
N PHE D 193 -20.45 -0.91 5.12
CA PHE D 193 -19.73 0.36 5.00
C PHE D 193 -18.88 0.39 3.72
N MET D 194 -18.41 -0.78 3.29
CA MET D 194 -17.71 -0.86 2.02
C MET D 194 -18.66 -0.77 0.82
N ASP D 195 -19.80 -1.45 0.86
CA ASP D 195 -20.76 -1.30 -0.23
C ASP D 195 -21.26 0.15 -0.29
N GLN D 196 -21.19 0.82 0.86
CA GLN D 196 -21.61 2.21 0.98
C GLN D 196 -20.59 3.07 0.26
N LEU D 197 -19.35 3.09 0.75
CA LEU D 197 -18.37 4.03 0.22
C LEU D 197 -17.89 3.74 -1.20
N GLY D 198 -18.35 2.63 -1.79
CA GLY D 198 -18.07 2.34 -3.20
C GLY D 198 -16.82 1.50 -3.40
N LEU D 199 -16.19 1.12 -2.28
CA LEU D 199 -15.09 0.17 -2.24
C LEU D 199 -15.53 -1.22 -2.71
N GLU D 200 -14.56 -2.06 -3.04
CA GLU D 200 -14.83 -3.46 -3.34
C GLU D 200 -13.61 -4.25 -2.97
N GLU D 201 -13.77 -5.52 -2.60
CA GLU D 201 -12.62 -6.42 -2.53
C GLU D 201 -12.83 -7.56 -3.48
N GLY D 202 -12.04 -7.66 -4.56
CA GLY D 202 -12.28 -8.73 -5.51
C GLY D 202 -11.91 -10.12 -5.00
N LEU D 203 -10.62 -10.32 -4.74
CA LEU D 203 -10.11 -11.60 -4.28
C LEU D 203 -9.97 -11.58 -2.76
N PRO D 204 -10.25 -12.73 -2.10
CA PRO D 204 -10.08 -12.85 -0.64
C PRO D 204 -8.64 -13.19 -0.29
N MET D 205 -8.33 -13.40 0.98
CA MET D 205 -6.98 -13.83 1.34
C MET D 205 -6.86 -15.36 1.42
N THR D 206 -7.96 -16.05 1.09
CA THR D 206 -7.89 -17.46 0.76
C THR D 206 -7.08 -17.58 -0.54
N THR D 207 -7.53 -16.89 -1.60
CA THR D 207 -6.91 -16.95 -2.93
C THR D 207 -5.51 -16.32 -2.95
N TYR D 208 -5.11 -15.76 -1.83
CA TYR D 208 -3.76 -15.26 -1.66
C TYR D 208 -2.88 -16.35 -1.12
N THR D 209 -3.27 -16.82 0.05
CA THR D 209 -2.52 -17.81 0.81
C THR D 209 -2.47 -19.15 0.06
N GLU D 210 -3.45 -19.38 -0.80
CA GLU D 210 -3.46 -20.53 -1.70
C GLU D 210 -2.50 -20.31 -2.86
N MET D 211 -2.22 -19.05 -3.14
CA MET D 211 -1.30 -18.65 -4.20
C MET D 211 0.15 -18.64 -3.70
N LYS D 212 0.30 -18.56 -2.37
CA LYS D 212 1.61 -18.63 -1.74
C LYS D 212 2.13 -20.06 -1.59
N LYS D 213 1.23 -21.02 -1.33
CA LYS D 213 1.65 -22.41 -1.33
C LYS D 213 2.11 -22.77 -2.74
N ALA D 214 1.24 -22.65 -3.72
CA ALA D 214 1.49 -23.06 -5.10
C ALA D 214 2.74 -22.38 -5.68
N LEU D 215 3.26 -21.41 -4.94
CA LEU D 215 4.52 -20.80 -5.28
C LEU D 215 4.95 -19.84 -4.22
N PRO D 216 6.05 -20.14 -3.58
CA PRO D 216 6.50 -19.29 -2.48
C PRO D 216 7.17 -18.04 -2.96
N PRO D 217 6.97 -16.94 -2.24
CA PRO D 217 7.73 -15.71 -2.44
C PRO D 217 9.19 -15.90 -2.06
N VAL D 218 10.14 -15.55 -2.93
CA VAL D 218 11.55 -15.73 -2.63
C VAL D 218 12.20 -14.36 -2.47
N ASN D 219 13.19 -14.24 -1.59
CA ASN D 219 13.85 -12.96 -1.43
C ASN D 219 15.11 -12.81 -2.32
N VAL D 220 15.24 -11.67 -2.99
CA VAL D 220 16.30 -11.50 -4.00
C VAL D 220 17.14 -10.21 -3.76
N ALA D 223 21.23 -10.62 -8.21
CA ALA D 223 21.71 -9.26 -8.50
C ALA D 223 22.50 -9.20 -9.81
N ASP D 224 23.68 -9.80 -9.80
CA ASP D 224 24.53 -9.90 -11.00
C ASP D 224 24.64 -11.35 -11.49
N ILE D 225 23.99 -11.65 -12.61
CA ILE D 225 23.86 -13.01 -13.13
C ILE D 225 23.47 -13.05 -14.61
N ASP E 9 -26.83 36.70 19.76
CA ASP E 9 -26.53 37.14 18.41
C ASP E 9 -25.11 36.76 17.96
N GLU E 10 -24.29 37.73 17.59
CA GLU E 10 -22.92 37.44 17.13
C GLU E 10 -22.17 36.65 18.17
N LYS E 11 -22.39 37.00 19.44
CA LYS E 11 -21.77 36.29 20.56
C LYS E 11 -21.96 34.75 20.45
N LYS E 12 -23.21 34.34 20.18
CA LYS E 12 -23.55 32.95 19.96
C LYS E 12 -22.65 32.32 18.89
N GLU E 13 -22.60 32.88 17.67
CA GLU E 13 -21.84 32.19 16.63
C GLU E 13 -20.33 32.27 16.85
N ARG E 14 -19.87 33.25 17.62
CA ARG E 14 -18.45 33.27 18.00
C ARG E 14 -18.12 32.09 18.92
N LEU E 15 -18.85 31.98 20.03
CA LEU E 15 -18.62 30.87 20.96
C LEU E 15 -18.80 29.52 20.25
N LEU E 16 -19.96 29.33 19.60
CA LEU E 16 -20.25 28.12 18.84
C LEU E 16 -19.11 27.74 17.87
N GLU E 17 -18.58 28.74 17.16
CA GLU E 17 -17.46 28.51 16.28
C GLU E 17 -16.27 27.99 17.07
N GLU E 18 -16.09 28.53 18.28
CA GLU E 18 -14.89 28.20 19.04
C GLU E 18 -14.97 26.81 19.70
N MET E 19 -16.20 26.36 19.97
CA MET E 19 -16.43 25.01 20.47
C MET E 19 -16.36 24.04 19.33
N LEU E 20 -16.57 24.53 18.11
CA LEU E 20 -16.42 23.66 16.96
C LEU E 20 -14.93 23.49 16.69
N LYS E 21 -14.17 24.58 16.83
CA LYS E 21 -12.71 24.52 16.81
C LYS E 21 -12.18 23.49 17.81
N ARG E 22 -12.37 23.75 19.10
CA ARG E 22 -11.82 22.91 20.16
C ARG E 22 -12.80 21.77 20.52
N GLY E 23 -12.47 20.54 20.18
CA GLY E 23 -13.43 19.47 20.34
C GLY E 23 -13.90 19.16 21.76
N GLU E 24 -13.29 19.81 22.75
CA GLU E 24 -13.46 19.40 24.13
C GLU E 24 -14.87 19.55 24.67
N ILE E 25 -15.17 18.75 25.70
CA ILE E 25 -16.45 18.81 26.42
C ILE E 25 -16.40 19.84 27.54
N TYR E 26 -17.34 20.78 27.55
CA TYR E 26 -17.33 21.87 28.53
C TYR E 26 -18.38 21.70 29.64
N SER E 27 -18.03 22.18 30.84
CA SER E 27 -18.86 22.00 32.04
C SER E 27 -19.57 23.29 32.39
N ASN E 28 -20.39 23.26 33.45
CA ASN E 28 -21.03 24.48 33.96
C ASN E 28 -20.02 25.61 34.11
N LYS E 29 -19.14 25.47 35.10
CA LYS E 29 -18.19 26.53 35.44
C LYS E 29 -17.00 26.56 34.48
N THR E 30 -16.71 25.42 33.87
CA THR E 30 -15.61 25.27 32.90
C THR E 30 -15.81 26.09 31.62
N ILE E 31 -17.07 26.38 31.26
CA ILE E 31 -17.36 27.18 30.08
C ILE E 31 -16.80 28.59 30.24
N GLU E 32 -16.36 28.90 31.46
CA GLU E 32 -15.72 30.17 31.79
C GLU E 32 -14.28 30.25 31.25
N THR E 33 -13.76 29.16 30.71
CA THR E 33 -12.48 29.22 30.01
C THR E 33 -12.67 29.87 28.66
N LEU E 34 -13.75 29.54 27.95
CA LEU E 34 -13.86 29.96 26.56
C LEU E 34 -14.35 31.43 26.42
N SER E 35 -14.49 32.13 27.55
CA SER E 35 -14.87 33.55 27.54
C SER E 35 -13.80 34.43 26.87
N LYS E 36 -12.54 34.28 27.29
CA LYS E 36 -11.44 35.10 26.77
C LYS E 36 -11.26 35.00 25.23
N PRO E 37 -11.23 33.78 24.67
CA PRO E 37 -11.42 33.74 23.21
C PRO E 37 -12.88 34.06 22.83
N ILE E 40 -15.93 36.65 24.99
CA ILE E 40 -17.15 37.16 25.65
C ILE E 40 -16.96 37.34 27.16
N SER E 41 -17.94 38.01 27.77
CA SER E 41 -17.93 38.34 29.20
C SER E 41 -18.26 37.14 30.09
N SER E 42 -17.46 36.95 31.14
CA SER E 42 -17.62 35.82 32.05
C SER E 42 -19.03 35.73 32.62
N MET E 43 -19.69 36.88 32.75
CA MET E 43 -21.08 36.93 33.19
C MET E 43 -22.00 36.20 32.23
N VAL E 44 -21.93 36.60 30.96
CA VAL E 44 -22.95 36.24 29.98
C VAL E 44 -22.63 35.01 29.13
N ILE E 45 -21.44 34.44 29.28
CA ILE E 45 -21.08 33.24 28.53
C ILE E 45 -22.13 32.18 28.77
N LYS E 46 -22.50 31.99 30.05
CA LYS E 46 -23.50 31.00 30.38
C LYS E 46 -24.83 31.32 29.70
N ASN E 47 -25.15 32.62 29.61
CA ASN E 47 -26.40 33.04 28.98
C ASN E 47 -26.41 32.71 27.47
N VAL E 48 -25.31 33.00 26.80
CA VAL E 48 -25.17 32.69 25.38
C VAL E 48 -25.22 31.18 25.14
N LEU E 49 -24.60 30.43 26.04
CA LEU E 49 -24.62 28.99 25.94
C LEU E 49 -26.05 28.49 26.02
N GLN E 50 -26.80 28.99 27.02
CA GLN E 50 -28.17 28.52 27.24
C GLN E 50 -29.04 28.88 26.06
N ALA E 51 -28.76 30.03 25.45
CA ALA E 51 -29.37 30.39 24.18
C ALA E 51 -29.15 29.26 23.17
N LEU E 52 -27.88 28.91 23.03
CA LEU E 52 -27.46 27.92 22.04
C LEU E 52 -28.03 26.53 22.28
N VAL E 53 -28.29 26.22 23.54
CA VAL E 53 -28.92 24.96 23.94
C VAL E 53 -30.38 24.97 23.58
N ASN E 54 -30.97 26.15 23.76
CA ASN E 54 -32.39 26.36 23.52
C ASN E 54 -32.72 26.26 22.04
N GLU E 55 -31.73 26.55 21.21
CA GLU E 55 -31.90 26.48 19.77
C GLU E 55 -31.40 25.15 19.21
N ASP E 56 -30.99 24.25 20.10
CA ASP E 56 -30.52 22.91 19.73
C ASP E 56 -29.36 22.98 18.75
N LEU E 57 -28.40 23.87 18.99
CA LEU E 57 -27.14 23.91 18.23
C LEU E 57 -25.96 23.28 18.96
N VAL E 58 -26.23 22.77 20.14
CA VAL E 58 -25.19 22.28 21.01
C VAL E 58 -25.74 21.04 21.72
N ASP E 59 -24.95 20.00 21.88
CA ASP E 59 -25.44 18.86 22.63
C ASP E 59 -25.24 19.08 24.13
N THR E 60 -26.17 18.58 24.94
CA THR E 60 -26.07 18.78 26.39
C THR E 60 -26.57 17.62 27.23
N ASP E 61 -25.93 17.39 28.39
CA ASP E 61 -26.40 16.34 29.33
C ASP E 61 -25.86 16.50 30.76
N LYS E 62 -26.20 15.60 31.69
CA LYS E 62 -25.68 15.70 33.05
C LYS E 62 -25.74 14.38 33.85
N SER E 66 -24.42 18.19 37.86
CA SER E 66 -23.59 19.04 37.00
C SER E 66 -23.88 18.78 35.52
N THR E 67 -24.24 19.83 34.80
CA THR E 67 -24.46 19.74 33.37
C THR E 67 -23.17 19.98 32.56
N TYR E 68 -23.04 19.25 31.45
CA TYR E 68 -21.93 19.40 30.52
C TYR E 68 -22.50 19.67 29.13
N TYR E 69 -21.75 20.40 28.32
CA TYR E 69 -22.19 20.79 26.99
C TYR E 69 -21.05 20.54 26.00
N TRP E 70 -21.37 20.36 24.71
CA TRP E 70 -20.32 20.10 23.72
C TRP E 70 -20.87 20.03 22.31
N CYS E 71 -20.04 20.26 21.31
CA CYS E 71 -20.55 20.29 19.94
C CYS E 71 -19.55 19.88 18.86
N PHE E 72 -20.02 19.13 17.88
CA PHE E 72 -19.21 18.74 16.72
C PHE E 72 -20.01 18.85 15.42
N ALA E 73 -19.29 18.96 14.30
CA ALA E 73 -19.93 19.04 12.98
C ALA E 73 -20.79 17.84 12.64
N SER E 74 -20.67 16.77 13.41
CA SER E 74 -21.39 15.54 13.11
C SER E 74 -22.84 15.72 13.50
N LYS E 75 -23.08 16.69 14.39
CA LYS E 75 -24.32 16.77 15.19
C LYS E 75 -25.62 16.61 14.41
N ARG E 76 -25.89 17.49 13.47
CA ARG E 76 -27.17 17.44 12.78
C ARG E 76 -27.37 16.11 12.06
N SER E 77 -26.31 15.61 11.45
CA SER E 77 -26.46 14.42 10.64
C SER E 77 -26.74 13.25 11.57
N GLN E 78 -26.17 13.32 12.78
CA GLN E 78 -26.32 12.28 13.78
C GLN E 78 -27.65 12.40 14.54
N ALA E 79 -28.27 13.56 14.43
CA ALA E 79 -29.63 13.73 14.91
C ALA E 79 -30.61 13.09 13.91
N ALA E 80 -30.42 13.41 12.64
CA ALA E 80 -31.31 12.88 11.63
C ALA E 80 -31.25 11.37 11.57
N ARG E 81 -30.05 10.83 11.68
CA ARG E 81 -29.84 9.39 11.55
C ARG E 81 -30.53 8.62 12.66
N THR E 82 -30.30 9.06 13.89
CA THR E 82 -30.92 8.46 15.05
C THR E 82 -32.45 8.60 15.01
N GLU E 83 -32.94 9.78 14.68
CA GLU E 83 -34.38 10.00 14.56
C GLU E 83 -35.03 9.06 13.53
N LEU E 84 -34.32 8.80 12.45
CA LEU E 84 -34.83 7.93 11.41
C LEU E 84 -34.91 6.51 12.00
N ALA E 85 -33.86 6.14 12.72
CA ALA E 85 -33.85 4.84 13.39
C ALA E 85 -35.05 4.67 14.30
N ARG E 86 -35.31 5.68 15.13
CA ARG E 86 -36.40 5.62 16.08
C ARG E 86 -37.70 5.42 15.36
N LEU E 87 -37.83 6.01 14.18
CA LEU E 87 -39.09 5.85 13.45
C LEU E 87 -39.23 4.47 12.80
N GLN E 88 -38.13 3.89 12.36
CA GLN E 88 -38.24 2.55 11.76
C GLN E 88 -38.56 1.52 12.85
N LYS E 89 -37.96 1.72 14.03
CA LYS E 89 -38.27 0.88 15.20
C LYS E 89 -39.75 0.99 15.52
N ALA E 90 -40.25 2.22 15.74
CA ALA E 90 -41.67 2.41 15.99
C ALA E 90 -42.55 1.79 14.90
N LEU E 91 -42.15 1.93 13.64
CA LEU E 91 -42.91 1.31 12.55
C LEU E 91 -43.01 -0.21 12.73
N GLU E 92 -41.87 -0.87 12.95
CA GLU E 92 -41.83 -2.34 13.16
C GLU E 92 -42.65 -2.73 14.40
N GLU E 93 -42.71 -1.85 15.41
CA GLU E 93 -43.50 -2.16 16.59
C GLU E 93 -44.98 -2.16 16.19
N GLN E 94 -45.50 -0.98 15.84
CA GLN E 94 -46.92 -0.86 15.49
C GLN E 94 -47.33 -1.89 14.46
N THR E 95 -46.41 -2.40 13.66
CA THR E 95 -46.83 -3.48 12.77
C THR E 95 -46.87 -4.87 13.41
N ASN E 96 -46.06 -5.20 14.43
CA ASN E 96 -46.28 -6.51 15.02
C ASN E 96 -47.48 -6.40 15.97
N PHE E 97 -47.70 -5.21 16.55
CA PHE E 97 -48.92 -4.98 17.36
C PHE E 97 -50.19 -5.10 16.53
N ILE E 98 -50.25 -4.39 15.40
CA ILE E 98 -51.40 -4.51 14.52
C ILE E 98 -51.52 -5.94 13.98
N ASP E 99 -50.41 -6.65 13.82
CA ASP E 99 -50.50 -8.05 13.40
C ASP E 99 -51.20 -8.90 14.48
N LYS E 100 -50.70 -8.81 15.71
CA LYS E 100 -51.26 -9.59 16.84
C LYS E 100 -52.74 -9.27 17.09
N ALA E 101 -53.09 -7.99 16.99
CA ALA E 101 -54.49 -7.56 17.17
C ALA E 101 -55.38 -8.09 16.05
N THR E 102 -54.88 -8.02 14.82
CA THR E 102 -55.56 -8.62 13.68
C THR E 102 -55.81 -10.11 13.92
N ALA E 103 -54.92 -10.74 14.69
CA ALA E 103 -55.08 -12.16 15.02
C ALA E 103 -56.16 -12.41 16.09
N ARG E 104 -55.97 -11.81 17.27
CA ARG E 104 -56.94 -11.97 18.37
C ARG E 104 -58.37 -11.53 18.00
N ILE E 105 -58.50 -10.63 17.02
CA ILE E 105 -59.84 -10.30 16.51
C ILE E 105 -60.49 -11.52 15.83
N GLU E 106 -59.77 -12.19 14.94
CA GLU E 106 -60.29 -13.37 14.26
C GLU E 106 -60.55 -14.48 15.27
N GLU E 107 -59.63 -14.65 16.21
CA GLU E 107 -59.77 -15.69 17.24
C GLU E 107 -60.95 -15.45 18.19
N LEU E 108 -61.30 -14.18 18.43
CA LEU E 108 -62.47 -13.84 19.26
C LEU E 108 -63.78 -13.93 18.48
N LYS E 109 -63.74 -13.45 17.24
CA LYS E 109 -64.90 -13.45 16.35
C LYS E 109 -65.20 -14.86 15.86
N VAL E 110 -64.31 -15.80 16.17
CA VAL E 110 -64.53 -17.21 15.86
C VAL E 110 -65.76 -17.73 16.58
N GLY E 111 -65.74 -17.65 17.91
CA GLY E 111 -66.82 -18.18 18.74
C GLY E 111 -68.03 -17.24 18.80
N ARG E 112 -67.78 -15.94 19.00
CA ARG E 112 -68.87 -14.98 19.10
C ARG E 112 -69.35 -14.58 17.72
N GLU E 113 -70.61 -14.88 17.42
CA GLU E 113 -71.17 -14.50 16.13
C GLU E 113 -71.97 -13.20 16.24
N GLU E 114 -72.53 -12.76 15.12
CA GLU E 114 -73.60 -11.78 15.17
C GLU E 114 -74.82 -12.39 14.51
N THR E 115 -75.83 -12.73 15.31
CA THR E 115 -77.02 -13.42 14.82
C THR E 115 -78.28 -12.63 15.16
N GLU E 116 -79.42 -13.09 14.68
CA GLU E 116 -80.70 -12.58 15.16
C GLU E 116 -80.93 -13.11 16.58
N GLU E 117 -80.30 -14.26 16.86
CA GLU E 117 -80.33 -14.89 18.18
C GLU E 117 -79.70 -14.01 19.27
N ARG E 118 -78.45 -13.63 19.05
CA ARG E 118 -77.62 -12.97 20.06
C ARG E 118 -78.18 -11.60 20.50
N SER E 119 -78.82 -10.89 19.57
CA SER E 119 -79.40 -9.58 19.87
C SER E 119 -80.59 -9.64 20.85
N SER E 120 -81.57 -10.48 20.52
CA SER E 120 -82.75 -10.65 21.35
C SER E 120 -82.42 -11.36 22.66
N LEU E 121 -81.44 -12.26 22.62
CA LEU E 121 -80.97 -12.94 23.83
C LEU E 121 -80.22 -11.99 24.80
N LEU E 122 -79.50 -11.01 24.27
CA LEU E 122 -78.94 -9.97 25.14
C LEU E 122 -80.07 -9.13 25.75
N LYS E 123 -81.01 -8.71 24.90
CA LYS E 123 -82.20 -7.99 25.36
C LYS E 123 -82.87 -8.67 26.56
N GLU E 124 -83.10 -9.99 26.46
CA GLU E 124 -83.80 -10.69 27.54
C GLU E 124 -82.87 -10.90 28.73
N LYS E 125 -81.56 -11.05 28.49
CA LYS E 125 -80.60 -11.14 29.61
C LYS E 125 -80.65 -9.91 30.51
N LEU E 126 -80.55 -8.74 29.89
CA LEU E 126 -80.59 -7.50 30.66
C LEU E 126 -81.96 -7.42 31.30
N ALA E 127 -83.01 -7.78 30.56
CA ALA E 127 -84.37 -7.72 31.11
C ALA E 127 -84.50 -8.57 32.37
N LEU E 128 -83.81 -9.72 32.38
CA LEU E 128 -83.74 -10.58 33.55
C LEU E 128 -83.04 -9.90 34.71
N GLN E 129 -81.86 -9.35 34.48
CA GLN E 129 -81.17 -8.72 35.61
C GLN E 129 -81.88 -7.43 36.03
N VAL E 130 -82.83 -6.95 35.22
CA VAL E 130 -83.75 -5.90 35.67
C VAL E 130 -84.79 -6.49 36.60
N LYS E 131 -85.36 -7.63 36.18
CA LYS E 131 -86.38 -8.31 36.96
C LYS E 131 -85.87 -8.64 38.35
N LEU E 132 -84.67 -9.20 38.46
CA LEU E 132 -84.14 -9.57 39.77
C LEU E 132 -84.13 -8.41 40.77
N GLU E 133 -83.85 -7.19 40.29
CA GLU E 133 -83.88 -5.99 41.14
C GLU E 133 -85.28 -5.44 41.37
N GLU E 134 -86.17 -5.67 40.39
CA GLU E 134 -87.57 -5.33 40.55
C GLU E 134 -88.17 -6.13 41.71
N GLN E 135 -87.92 -7.44 41.71
CA GLN E 135 -88.38 -8.32 42.78
C GLN E 135 -87.60 -8.15 44.09
N ARG E 136 -86.32 -7.80 44.01
CA ARG E 136 -85.60 -7.47 45.23
C ARG E 136 -86.27 -6.27 45.90
N GLY E 137 -86.71 -5.31 45.07
CA GLY E 137 -87.39 -4.10 45.54
C GLY E 137 -88.80 -4.34 46.07
N THR E 138 -89.47 -5.34 45.51
CA THR E 138 -90.72 -5.83 46.07
C THR E 138 -90.49 -6.48 47.44
N PHE E 139 -89.36 -7.19 47.58
CA PHE E 139 -88.93 -7.76 48.88
C PHE E 139 -88.69 -6.69 49.94
N ARG E 140 -88.00 -5.63 49.54
CA ARG E 140 -87.84 -4.46 50.41
C ARG E 140 -89.21 -3.92 50.83
N ASP E 141 -90.12 -3.86 49.86
CA ASP E 141 -91.48 -3.39 50.14
C ASP E 141 -92.26 -4.30 51.12
N LEU E 142 -92.01 -5.59 51.06
CA LEU E 142 -92.67 -6.56 51.95
C LEU E 142 -92.16 -6.47 53.38
N LEU E 143 -90.85 -6.54 53.56
CA LEU E 143 -90.30 -6.43 54.91
C LEU E 143 -90.55 -5.04 55.50
N LYS E 144 -90.91 -4.07 54.66
CA LYS E 144 -91.20 -2.69 55.12
C LYS E 144 -92.58 -2.60 55.78
N ASN E 145 -93.47 -3.55 55.43
CA ASN E 145 -94.61 -3.88 56.30
C ASN E 145 -94.06 -4.31 57.69
N ASP E 146 -94.83 -4.00 58.74
CA ASP E 146 -94.45 -4.41 60.11
C ASP E 146 -94.44 -5.95 60.35
N PRO E 147 -93.51 -6.39 61.24
CA PRO E 147 -93.50 -7.70 61.94
C PRO E 147 -94.67 -7.85 62.98
N ASP E 148 -94.60 -8.84 63.87
CA ASP E 148 -95.69 -9.11 64.82
C ASP E 148 -96.19 -7.85 65.57
N VAL E 149 -95.37 -6.80 65.59
CA VAL E 149 -95.72 -5.51 66.16
C VAL E 149 -97.09 -4.99 65.72
N ALA E 150 -97.37 -5.07 64.42
CA ALA E 150 -98.66 -4.66 63.88
C ALA E 150 -99.77 -5.49 64.52
N GLN E 151 -99.49 -6.76 64.79
CA GLN E 151 -100.45 -7.66 65.41
C GLN E 151 -100.61 -7.36 66.90
N LYS E 152 -99.59 -6.72 67.51
CA LYS E 152 -99.72 -6.27 68.89
C LYS E 152 -100.55 -5.00 68.94
N LEU E 153 -100.44 -4.19 67.91
CA LEU E 153 -101.33 -3.04 67.77
C LEU E 153 -102.76 -3.52 67.52
N ARG E 154 -102.88 -4.69 66.91
CA ARG E 154 -104.19 -5.29 66.65
C ARG E 154 -104.88 -5.80 67.93
N ASN E 155 -104.14 -6.53 68.77
CA ASN E 155 -104.72 -6.96 70.04
C ASN E 155 -105.00 -5.73 70.89
N TYR E 156 -104.12 -4.74 70.78
CA TYR E 156 -104.30 -3.48 71.50
C TYR E 156 -105.62 -2.77 71.14
N THR E 157 -105.92 -2.65 69.85
CA THR E 157 -107.16 -1.97 69.46
C THR E 157 -108.37 -2.85 69.79
N ASP E 158 -108.18 -4.18 69.78
CA ASP E 158 -109.26 -5.09 70.20
C ASP E 158 -109.68 -4.87 71.67
N ILE E 159 -108.67 -4.67 72.51
CA ILE E 159 -108.87 -4.53 73.96
C ILE E 159 -109.31 -3.14 74.37
N ALA E 160 -108.83 -2.14 73.64
CA ALA E 160 -109.34 -0.78 73.80
C ALA E 160 -110.81 -0.74 73.42
N LYS E 161 -111.14 -1.29 72.26
CA LYS E 161 -112.51 -1.29 71.75
C LYS E 161 -113.45 -2.07 72.66
N GLN E 162 -112.93 -3.13 73.28
CA GLN E 162 -113.72 -3.94 74.22
C GLN E 162 -114.42 -3.11 75.30
N GLU E 163 -113.67 -2.22 75.94
CA GLU E 163 -114.22 -1.33 76.96
C GLU E 163 -115.22 -0.34 76.35
N ALA F 3 -9.70 -12.64 29.17
CA ALA F 3 -11.03 -12.98 28.67
C ALA F 3 -12.13 -12.59 29.66
N ALA F 4 -11.74 -12.21 30.85
CA ALA F 4 -12.67 -11.57 31.77
C ALA F 4 -12.80 -10.09 31.37
N TYR F 5 -11.72 -9.56 30.79
CA TYR F 5 -11.69 -8.19 30.28
C TYR F 5 -12.49 -8.07 28.98
N LYS F 6 -12.38 -9.08 28.12
CA LYS F 6 -13.07 -9.06 26.83
C LYS F 6 -14.58 -8.83 26.97
N GLU F 7 -15.21 -9.51 27.93
CA GLU F 7 -16.65 -9.38 28.14
C GLU F 7 -17.03 -7.98 28.63
N ALA F 8 -16.09 -7.36 29.36
CA ALA F 8 -16.29 -6.03 29.95
C ALA F 8 -16.10 -4.92 28.91
N PHE F 9 -15.05 -5.05 28.13
CA PHE F 9 -14.77 -4.09 27.09
C PHE F 9 -15.92 -4.10 26.10
N ALA F 10 -16.27 -5.29 25.62
CA ALA F 10 -17.34 -5.36 24.64
C ALA F 10 -18.66 -4.82 25.20
N ALA F 11 -18.75 -4.70 26.52
CA ALA F 11 -19.89 -4.05 27.16
C ALA F 11 -19.77 -2.51 27.17
N VAL F 12 -18.57 -1.98 27.40
CA VAL F 12 -18.38 -0.53 27.44
C VAL F 12 -18.46 0.11 26.05
N LYS F 13 -17.84 -0.48 25.06
CA LYS F 13 -17.98 0.08 23.72
C LYS F 13 -19.45 -0.04 23.32
N GLU F 14 -20.13 -1.06 23.82
CA GLU F 14 -21.57 -1.20 23.52
C GLU F 14 -22.35 -0.03 24.15
N LEU F 15 -22.04 0.32 25.40
CA LEU F 15 -22.67 1.49 26.02
C LEU F 15 -22.43 2.72 25.16
N MET F 16 -21.16 3.05 24.94
CA MET F 16 -20.82 4.35 24.37
C MET F 16 -21.32 4.55 22.94
N GLN F 17 -21.14 3.56 22.05
CA GLN F 17 -21.60 3.73 20.67
C GLN F 17 -23.11 3.78 20.64
N THR F 18 -23.74 3.08 21.57
CA THR F 18 -25.18 2.97 21.53
C THR F 18 -25.84 4.23 22.10
N SER F 19 -25.20 4.87 23.08
CA SER F 19 -25.66 6.16 23.58
C SER F 19 -24.60 7.22 23.37
N ASN F 20 -24.83 8.18 22.47
CA ASN F 20 -23.75 9.09 22.16
C ASN F 20 -23.45 10.02 23.31
N LYS F 21 -24.22 9.86 24.38
CA LYS F 21 -23.98 10.63 25.59
C LYS F 21 -22.55 10.42 26.09
N PRO F 22 -22.05 11.38 26.89
CA PRO F 22 -20.79 11.21 27.62
C PRO F 22 -20.97 10.31 28.80
N GLN F 23 -19.88 9.68 29.23
CA GLN F 23 -19.89 8.81 30.41
C GLN F 23 -18.67 9.08 31.27
N ASN F 24 -18.63 8.39 32.40
CA ASN F 24 -17.53 8.49 33.34
C ASN F 24 -17.29 7.13 34.02
N VAL F 25 -16.10 6.95 34.58
CA VAL F 25 -15.72 5.65 35.15
C VAL F 25 -16.78 5.05 36.08
N GLN F 26 -17.40 5.86 36.93
CA GLN F 26 -18.47 5.34 37.79
C GLN F 26 -19.76 5.18 36.98
N THR F 27 -20.06 6.18 36.15
CA THR F 27 -21.25 6.19 35.30
C THR F 27 -21.29 4.92 34.50
N ALA F 28 -20.14 4.59 33.95
CA ALA F 28 -19.93 3.40 33.15
C ALA F 28 -20.35 2.13 33.87
N ILE F 29 -19.79 1.89 35.06
CA ILE F 29 -20.11 0.65 35.79
C ILE F 29 -21.59 0.66 36.05
N ASN F 30 -22.14 1.81 36.41
CA ASN F 30 -23.56 1.89 36.68
C ASN F 30 -24.42 1.40 35.52
N ASN F 31 -24.22 1.98 34.34
CA ASN F 31 -25.09 1.66 33.21
C ASN F 31 -24.77 0.35 32.52
N THR F 32 -23.63 -0.24 32.86
CA THR F 32 -23.30 -1.57 32.37
C THR F 32 -23.85 -2.63 33.33
N GLY F 33 -24.64 -2.18 34.31
CA GLY F 33 -25.33 -3.10 35.21
C GLY F 33 -24.52 -3.54 36.41
N SER F 34 -23.65 -2.65 36.85
CA SER F 34 -22.81 -2.83 38.04
C SER F 34 -22.13 -4.19 38.08
N LYS F 35 -21.66 -4.66 36.93
CA LYS F 35 -20.99 -5.96 36.88
C LYS F 35 -19.49 -5.82 36.94
N TYR F 36 -18.95 -4.60 36.94
CA TYR F 36 -17.52 -4.45 36.68
C TYR F 36 -16.75 -3.52 37.65
N GLY F 37 -15.41 -3.59 37.62
CA GLY F 37 -14.60 -2.89 38.60
C GLY F 37 -14.18 -1.51 38.15
N LYS F 38 -13.71 -0.66 39.08
CA LYS F 38 -13.23 0.67 38.71
C LYS F 38 -12.09 0.60 37.68
N THR F 39 -11.00 -0.07 38.04
CA THR F 39 -9.81 -0.10 37.20
C THR F 39 -10.07 -0.83 35.88
N THR F 40 -10.95 -1.83 35.91
CA THR F 40 -11.35 -2.60 34.72
C THR F 40 -12.00 -1.75 33.65
N VAL F 41 -13.07 -1.09 34.10
CA VAL F 41 -13.82 -0.18 33.28
C VAL F 41 -12.87 0.87 32.76
N GLN F 42 -12.16 1.55 33.66
CA GLN F 42 -11.27 2.63 33.25
C GLN F 42 -10.28 2.18 32.17
N LYS F 43 -9.69 1.00 32.36
CA LYS F 43 -8.83 0.38 31.35
C LYS F 43 -9.54 0.25 30.00
N ALA F 44 -10.80 -0.19 30.01
CA ALA F 44 -11.57 -0.32 28.77
C ALA F 44 -11.82 1.05 28.08
N LEU F 45 -12.10 2.06 28.89
CA LEU F 45 -12.32 3.41 28.39
C LEU F 45 -11.05 3.88 27.71
N ASP F 46 -9.93 3.73 28.39
CA ASP F 46 -8.68 4.24 27.88
C ASP F 46 -8.12 3.45 26.68
N GLU F 47 -8.55 2.19 26.53
CA GLU F 47 -8.23 1.43 25.32
C GLU F 47 -9.09 1.94 24.17
N LEU F 48 -10.34 2.31 24.45
CA LEU F 48 -11.20 2.91 23.42
C LEU F 48 -10.67 4.26 22.96
N VAL F 49 -10.35 5.13 23.91
CA VAL F 49 -9.68 6.39 23.63
C VAL F 49 -8.44 6.11 22.79
N ALA F 50 -7.69 5.08 23.20
CA ALA F 50 -6.50 4.62 22.49
C ALA F 50 -6.75 4.33 21.02
N GLN F 51 -7.70 3.43 20.74
CA GLN F 51 -7.96 3.04 19.36
C GLN F 51 -8.88 4.07 18.66
N ASN F 52 -9.11 5.17 19.38
CA ASN F 52 -9.68 6.42 18.87
C ASN F 52 -11.15 6.27 18.44
N LEU F 53 -11.85 5.43 19.19
CA LEU F 53 -13.31 5.32 19.10
C LEU F 53 -13.97 6.15 20.20
N CYS F 54 -13.15 6.84 20.97
CA CYS F 54 -13.65 7.72 22.00
C CYS F 54 -12.74 8.93 22.12
N ILE F 55 -13.31 10.11 22.14
CA ILE F 55 -12.60 11.29 22.59
C ILE F 55 -12.61 11.28 24.11
N TYR F 56 -11.89 12.21 24.70
CA TYR F 56 -12.00 12.45 26.14
C TYR F 56 -11.56 13.86 26.48
N THR F 57 -12.11 14.38 27.58
CA THR F 57 -11.68 15.69 28.08
C THR F 57 -11.52 15.63 29.60
N GLU F 58 -10.48 16.31 30.10
CA GLU F 58 -10.35 16.53 31.53
C GLU F 58 -10.76 17.95 31.88
N ILE F 59 -11.86 18.05 32.62
CA ILE F 59 -12.32 19.36 33.11
C ILE F 59 -11.92 19.61 34.61
N GLY F 60 -11.23 20.74 34.80
CA GLY F 60 -10.72 21.17 36.08
C GLY F 60 -9.83 20.12 36.73
N LYS F 61 -9.41 19.09 35.97
CA LYS F 61 -8.49 18.03 36.43
C LYS F 61 -9.14 17.28 37.61
N THR F 62 -10.35 17.72 38.00
CA THR F 62 -11.16 17.06 39.01
C THR F 62 -11.30 15.59 38.59
N GLY F 63 -11.78 15.39 37.36
CA GLY F 63 -11.81 14.07 36.76
C GLY F 63 -11.69 14.11 35.25
N LYS F 64 -11.51 12.93 34.67
CA LYS F 64 -11.63 12.73 33.23
C LYS F 64 -13.07 12.28 32.87
N LEU F 65 -13.61 12.88 31.80
CA LEU F 65 -14.92 12.55 31.22
C LEU F 65 -14.76 12.03 29.76
N TYR F 66 -15.33 10.85 29.47
CA TYR F 66 -15.05 10.17 28.19
C TYR F 66 -16.26 10.20 27.30
N LEU F 67 -16.07 10.27 25.98
CA LEU F 67 -17.23 10.34 25.09
C LEU F 67 -16.99 9.63 23.78
N TRP F 68 -18.01 9.00 23.22
CA TRP F 68 -17.85 8.36 21.92
C TRP F 68 -17.37 9.39 20.91
N ASN F 69 -16.29 9.10 20.17
CA ASN F 69 -15.70 10.15 19.34
C ASN F 69 -16.65 10.48 18.22
N GLN F 70 -17.11 11.73 18.19
CA GLN F 70 -18.13 12.18 17.23
C GLN F 70 -17.52 12.39 15.86
N ASN F 71 -16.24 12.74 15.84
CA ASN F 71 -15.53 13.04 14.62
C ASN F 71 -15.56 11.87 13.62
N LEU F 72 -15.94 10.69 14.07
CA LEU F 72 -16.00 9.53 13.16
C LEU F 72 -17.37 9.32 12.54
N LEU F 73 -18.31 10.21 12.89
CA LEU F 73 -19.65 10.22 12.33
C LEU F 73 -19.71 11.01 11.01
N GLU F 74 -20.47 10.49 10.06
CA GLU F 74 -20.59 11.12 8.75
C GLU F 74 -21.28 12.44 8.91
N VAL F 75 -20.66 13.51 8.39
CA VAL F 75 -21.35 14.78 8.20
C VAL F 75 -22.03 14.76 6.84
N LEU F 76 -23.36 14.84 6.79
CA LEU F 76 -24.05 14.59 5.52
C LEU F 76 -24.07 15.78 4.54
N SER F 77 -24.21 15.48 3.25
CA SER F 77 -24.37 16.51 2.22
C SER F 77 -25.64 17.26 2.51
N ASP F 78 -25.78 18.48 2.03
CA ASP F 78 -27.06 19.15 2.20
C ASP F 78 -28.11 18.35 1.43
N ALA F 79 -27.69 17.79 0.30
CA ALA F 79 -28.54 16.84 -0.42
C ALA F 79 -28.69 15.52 0.31
N GLN F 80 -27.62 15.03 0.95
CA GLN F 80 -27.72 13.84 1.80
C GLN F 80 -28.90 14.00 2.80
N LEU F 81 -28.81 15.09 3.58
CA LEU F 81 -29.86 15.47 4.50
C LEU F 81 -31.22 15.46 3.84
N MET F 82 -31.43 16.29 2.82
CA MET F 82 -32.74 16.33 2.15
C MET F 82 -33.28 14.93 1.87
N GLU F 83 -32.40 14.07 1.37
CA GLU F 83 -32.77 12.70 1.00
C GLU F 83 -33.33 11.99 2.22
N VAL F 84 -32.62 12.13 3.33
CA VAL F 84 -33.03 11.50 4.58
C VAL F 84 -34.34 12.06 5.13
N ASN F 85 -34.40 13.38 5.30
CA ASN F 85 -35.58 14.04 5.86
C ASN F 85 -36.85 13.70 5.12
N ALA F 86 -36.70 13.50 3.82
CA ALA F 86 -37.82 12.99 3.05
C ALA F 86 -38.35 11.70 3.67
N GLN F 87 -37.45 10.77 3.96
CA GLN F 87 -37.85 9.51 4.59
C GLN F 87 -38.38 9.73 6.00
N ILE F 88 -37.69 10.54 6.80
CA ILE F 88 -38.17 10.81 8.14
C ILE F 88 -39.59 11.31 8.10
N ASN F 89 -39.90 12.24 7.21
CA ASN F 89 -41.26 12.75 7.17
C ASN F 89 -42.27 11.73 6.62
N ASP F 90 -41.84 10.91 5.65
CA ASP F 90 -42.68 9.79 5.22
C ASP F 90 -43.02 8.91 6.42
N LEU F 91 -41.99 8.33 7.03
CA LEU F 91 -42.13 7.42 8.16
C LEU F 91 -42.88 8.05 9.33
N LYS F 92 -42.67 9.33 9.58
CA LYS F 92 -43.34 10.02 10.68
C LYS F 92 -44.84 9.88 10.59
N ALA F 93 -45.39 10.20 9.42
CA ALA F 93 -46.83 10.16 9.25
C ALA F 93 -47.38 8.77 8.93
N GLN F 94 -46.62 7.92 8.25
CA GLN F 94 -47.15 6.58 8.05
C GLN F 94 -46.85 5.73 9.29
N VAL F 95 -46.25 6.33 10.30
CA VAL F 95 -46.33 5.79 11.65
C VAL F 95 -47.60 6.25 12.33
N GLU F 96 -47.97 7.53 12.22
CA GLU F 96 -49.21 8.03 12.84
C GLU F 96 -50.41 7.23 12.36
N LYS F 97 -50.48 6.99 11.05
CA LYS F 97 -51.54 6.17 10.48
C LYS F 97 -51.64 4.82 11.19
N LEU F 98 -50.50 4.17 11.38
CA LEU F 98 -50.46 2.85 12.00
C LEU F 98 -50.76 2.89 13.50
N THR F 99 -50.26 3.90 14.18
CA THR F 99 -50.56 4.15 15.58
C THR F 99 -52.06 4.19 15.80
N GLN F 100 -52.72 4.98 14.97
CA GLN F 100 -54.13 5.24 15.23
C GLN F 100 -54.99 4.07 14.74
N GLN F 101 -54.55 3.41 13.68
CA GLN F 101 -55.19 2.15 13.32
C GLN F 101 -55.09 1.22 14.53
N GLY F 102 -53.91 1.17 15.14
CA GLY F 102 -53.65 0.36 16.32
C GLY F 102 -54.55 0.63 17.52
N GLU F 103 -54.68 1.90 17.91
CA GLU F 103 -55.59 2.27 19.00
C GLU F 103 -57.06 1.95 18.68
N THR F 104 -57.47 2.15 17.43
CA THR F 104 -58.84 1.76 17.04
C THR F 104 -59.06 0.26 17.15
N LEU F 105 -58.09 -0.51 16.66
CA LEU F 105 -58.17 -1.96 16.73
C LEU F 105 -58.18 -2.41 18.19
N ARG F 106 -57.47 -1.69 19.05
CA ARG F 106 -57.47 -1.97 20.48
C ARG F 106 -58.87 -1.78 21.09
N ILE F 107 -59.52 -0.67 20.75
CA ILE F 107 -60.89 -0.44 21.23
C ILE F 107 -61.86 -1.52 20.72
N THR F 108 -61.80 -1.83 19.43
CA THR F 108 -62.60 -2.90 18.85
C THR F 108 -62.43 -4.24 19.56
N GLN F 109 -61.19 -4.59 19.85
CA GLN F 109 -60.89 -5.83 20.56
C GLN F 109 -61.39 -5.85 22.00
N ARG F 110 -61.20 -4.76 22.72
CA ARG F 110 -61.69 -4.64 24.10
C ARG F 110 -63.23 -4.72 24.19
N ASN F 111 -63.91 -4.14 23.20
CA ASN F 111 -65.36 -4.18 23.19
C ASN F 111 -65.91 -5.51 22.69
N LEU F 112 -65.06 -6.30 22.04
CA LEU F 112 -65.48 -7.64 21.63
C LEU F 112 -65.10 -8.71 22.66
N GLU F 113 -64.29 -8.35 23.65
CA GLU F 113 -63.87 -9.34 24.64
C GLU F 113 -64.76 -9.24 25.88
N ALA F 114 -65.70 -8.29 25.84
CA ALA F 114 -66.66 -8.10 26.94
C ALA F 114 -67.71 -9.20 26.93
N ALA F 115 -68.50 -9.23 25.86
CA ALA F 115 -69.44 -10.31 25.57
C ALA F 115 -68.70 -11.64 25.50
N PRO F 116 -69.12 -12.61 26.34
CA PRO F 116 -68.55 -13.96 26.31
C PRO F 116 -69.18 -14.80 25.19
N ILE F 117 -68.68 -16.03 25.04
CA ILE F 117 -69.08 -16.91 23.95
C ILE F 117 -70.61 -17.09 23.91
N THR F 118 -71.17 -17.28 22.73
CA THR F 118 -72.62 -17.56 22.59
C THR F 118 -73.07 -18.75 23.45
N GLU F 119 -72.39 -19.88 23.30
CA GLU F 119 -72.72 -21.12 24.00
C GLU F 119 -72.71 -20.96 25.53
N VAL F 120 -71.73 -20.24 26.06
CA VAL F 120 -71.64 -19.99 27.50
C VAL F 120 -72.70 -18.97 27.94
N LEU F 121 -73.04 -18.06 27.04
CA LEU F 121 -74.02 -17.04 27.36
C LEU F 121 -75.39 -17.73 27.49
N LYS F 122 -75.63 -18.73 26.64
CA LYS F 122 -76.84 -19.55 26.72
C LYS F 122 -77.03 -20.07 28.14
N GLN F 123 -76.00 -20.75 28.64
CA GLN F 123 -75.96 -21.26 30.00
C GLN F 123 -76.33 -20.17 30.98
N GLU F 124 -75.68 -19.02 30.81
CA GLU F 124 -75.91 -17.87 31.68
C GLU F 124 -77.39 -17.46 31.72
N VAL F 125 -78.05 -17.46 30.57
CA VAL F 125 -79.42 -16.98 30.51
C VAL F 125 -80.39 -18.07 30.96
N ASP F 126 -79.96 -19.33 30.92
CA ASP F 126 -80.78 -20.42 31.48
C ASP F 126 -80.79 -20.36 33.01
N GLU F 127 -79.59 -20.32 33.58
CA GLU F 127 -79.42 -20.14 35.03
C GLU F 127 -80.12 -18.87 35.50
N LEU F 128 -80.12 -17.83 34.65
CA LEU F 128 -80.76 -16.57 35.01
C LEU F 128 -82.26 -16.63 34.77
N ARG F 129 -82.71 -17.64 34.02
CA ARG F 129 -84.15 -17.84 33.79
C ARG F 129 -84.79 -18.57 34.98
N GLN F 130 -84.08 -19.57 35.52
CA GLN F 130 -84.56 -20.31 36.70
C GLN F 130 -84.80 -19.40 37.91
N GLN F 131 -83.85 -18.53 38.19
CA GLN F 131 -83.88 -17.73 39.41
C GLN F 131 -85.07 -16.79 39.47
N VAL F 132 -85.48 -16.24 38.32
CA VAL F 132 -86.62 -15.34 38.29
C VAL F 132 -87.88 -16.08 38.70
N SER F 133 -87.99 -17.31 38.20
CA SER F 133 -89.11 -18.20 38.53
C SER F 133 -89.12 -18.52 40.02
N ALA F 134 -87.94 -18.80 40.58
CA ALA F 134 -87.82 -19.00 42.02
C ALA F 134 -88.38 -17.79 42.80
N ASN F 135 -87.85 -16.60 42.50
CA ASN F 135 -88.31 -15.41 43.23
C ASN F 135 -89.82 -15.17 43.12
N ASP F 136 -90.40 -15.15 41.90
CA ASP F 136 -91.83 -14.79 41.83
C ASP F 136 -92.72 -15.96 42.29
N GLU F 137 -92.11 -17.15 42.43
CA GLU F 137 -92.75 -18.24 43.13
C GLU F 137 -92.89 -17.89 44.61
N LYS F 138 -91.85 -17.29 45.20
CA LYS F 138 -91.99 -16.86 46.60
C LYS F 138 -92.74 -15.53 46.77
N LEU F 139 -92.99 -14.83 45.67
CA LEU F 139 -93.90 -13.69 45.71
C LEU F 139 -95.32 -14.21 45.77
N ARG F 140 -95.59 -15.26 44.99
CA ARG F 140 -96.87 -15.92 45.04
C ARG F 140 -97.11 -16.57 46.41
N LEU F 141 -96.07 -17.19 46.98
CA LEU F 141 -96.20 -17.87 48.28
C LEU F 141 -96.53 -16.87 49.40
N VAL F 142 -96.29 -15.57 49.12
CA VAL F 142 -96.57 -14.50 50.08
C VAL F 142 -98.05 -14.05 49.95
N ASP F 153 -103.50 -3.52 55.18
CA ASP F 153 -104.09 -2.20 54.96
C ASP F 153 -103.79 -1.21 56.11
N MET F 154 -102.50 -0.96 56.38
CA MET F 154 -102.06 -0.31 57.62
C MET F 154 -102.90 0.93 58.00
N LEU F 155 -103.41 1.60 56.97
CA LEU F 155 -104.29 2.75 57.12
C LEU F 155 -105.61 2.43 57.86
N THR F 156 -106.18 1.25 57.56
CA THR F 156 -107.43 0.80 58.19
C THR F 156 -107.25 0.46 59.68
N LEU F 157 -106.12 -0.16 60.00
CA LEU F 157 -105.74 -0.46 61.39
C LEU F 157 -105.51 0.83 62.17
N GLN F 158 -104.73 1.74 61.58
CA GLN F 158 -104.41 3.02 62.21
C GLN F 158 -105.66 3.84 62.49
N LYS F 159 -106.57 3.89 61.51
CA LYS F 159 -107.82 4.64 61.69
C LYS F 159 -108.73 3.95 62.73
N ASN F 160 -108.73 2.62 62.70
CA ASN F 160 -109.40 1.81 63.72
C ASN F 160 -109.00 2.26 65.12
N TYR F 161 -107.70 2.16 65.42
CA TYR F 161 -107.22 2.49 66.77
C TYR F 161 -107.38 3.98 67.07
N LYS F 162 -107.27 4.83 66.05
CA LYS F 162 -107.35 6.28 66.24
C LYS F 162 -108.74 6.70 66.69
N ASP F 163 -109.77 6.13 66.08
CA ASP F 163 -111.12 6.41 66.54
C ASP F 163 -111.42 5.68 67.86
N ALA F 164 -110.80 4.50 68.04
CA ALA F 164 -111.00 3.70 69.26
C ALA F 164 -110.66 4.45 70.55
N MET F 165 -109.37 4.70 70.77
CA MET F 165 -108.95 5.47 71.94
C MET F 165 -109.39 6.92 71.81
N MET F 205 -107.16 3.99 83.71
CA MET F 205 -106.60 4.80 82.64
C MET F 205 -105.07 4.76 82.63
N THR F 206 -104.48 4.25 83.71
CA THR F 206 -103.03 4.20 83.81
C THR F 206 -102.44 3.23 82.78
N THR F 207 -103.07 2.07 82.63
CA THR F 207 -102.72 1.13 81.58
C THR F 207 -102.98 1.76 80.21
N TYR F 208 -104.11 2.44 80.08
CA TYR F 208 -104.47 3.20 78.89
C TYR F 208 -103.37 4.21 78.53
N THR F 209 -102.87 4.88 79.55
CA THR F 209 -101.76 5.81 79.40
C THR F 209 -100.47 5.12 78.93
N GLU F 210 -99.98 4.12 79.67
CA GLU F 210 -98.69 3.50 79.35
C GLU F 210 -98.68 2.78 77.99
N MET F 211 -99.80 2.20 77.58
CA MET F 211 -99.80 1.68 76.22
C MET F 211 -99.94 2.82 75.23
N LYS F 212 -100.69 3.87 75.57
CA LYS F 212 -100.74 5.03 74.67
C LYS F 212 -99.34 5.61 74.44
N LYS F 213 -98.44 5.37 75.40
CA LYS F 213 -97.02 5.69 75.22
C LYS F 213 -96.35 4.67 74.30
N ALA F 214 -96.49 3.37 74.58
CA ALA F 214 -95.92 2.38 73.67
C ALA F 214 -96.68 2.33 72.35
N LEU F 215 -97.82 3.02 72.28
CA LEU F 215 -98.66 3.04 71.08
C LEU F 215 -99.12 4.47 70.72
N PRO F 216 -98.36 5.15 69.87
CA PRO F 216 -98.81 6.44 69.34
C PRO F 216 -100.18 6.33 68.66
N PRO F 217 -101.14 7.18 69.06
CA PRO F 217 -102.51 7.27 68.54
C PRO F 217 -102.77 8.39 67.51
N VAL F 218 -102.26 8.25 66.29
CA VAL F 218 -102.56 9.26 65.26
C VAL F 218 -102.50 8.64 63.86
#